data_7JYA
#
_entry.id   7JYA
#
_cell.length_a   100.133
_cell.length_b   100.133
_cell.length_c   287.480
_cell.angle_alpha   90.000
_cell.angle_beta   90.000
_cell.angle_gamma   90.000
#
_symmetry.space_group_name_H-M   'P 41 21 2'
#
loop_
_entity.id
_entity.type
_entity.pdbx_description
1 polymer 'Protein fem-1 homolog C'
2 polymer ASN-ARG-ARG-ARG-ARG-TRP-ARG-GLU-ARG-GLN-ARG
3 non-polymer 'UNKNOWN ATOM OR ION'
4 water water
#
loop_
_entity_poly.entity_id
_entity_poly.type
_entity_poly.pdbx_seq_one_letter_code
_entity_poly.pdbx_strand_id
1 'polypeptide(L)'
;GDLKTAVFNAARDGKLRLLTKLLASKSKEEVSSLISEKTNGATPLLMAARYGHLDMVEFLLEQCSASIEVGGSVNFDGET
IEGAPPLWAASAAGHLKVVQSLLNHGASVNNTTLTNSTPLRAACFDGHLEIVKYLVEHKADLEVSNRHGHTCLMISCYKG
HKEIAQYLLEKGADVNRKSVKGNTALHDCAESGSLDIMKMLLMYCAKMEKDGYGMTPLLSASVTGHTNIVDFLTHHAQTS
KTERINALELLGATFVDKKRDLLGALKYWKKAMNMRYSDRTNIISKPVPQTLIMAYDYAKEVNSAEELEGLIADPDEMRM
QALLIRERILGPSHPDTSYYIRYRGAVYADSGNFKRCINLWKYALDMQQSN
;
A,B,C
2 'polypeptide(L)' NRRRRWRERQR D,E,F
#
# COMPACT_ATOMS: atom_id res chain seq x y z
N ASP A 2 -15.15 26.14 -31.89
CA ASP A 2 -15.12 27.64 -31.84
C ASP A 2 -16.23 28.13 -30.90
N LEU A 3 -17.50 28.03 -31.34
CA LEU A 3 -18.69 28.63 -30.65
C LEU A 3 -18.88 27.97 -29.27
N LYS A 4 -18.85 26.63 -29.20
CA LYS A 4 -19.12 25.83 -27.97
C LYS A 4 -18.11 26.23 -26.88
N THR A 5 -16.93 26.73 -27.28
CA THR A 5 -15.83 27.19 -26.39
C THR A 5 -16.10 28.63 -25.96
N ALA A 6 -16.37 29.53 -26.90
CA ALA A 6 -16.65 30.96 -26.64
C ALA A 6 -17.87 31.09 -25.71
N VAL A 7 -18.82 30.14 -25.81
CA VAL A 7 -20.01 30.02 -24.92
C VAL A 7 -19.54 29.67 -23.50
N PHE A 8 -18.68 28.66 -23.36
CA PHE A 8 -18.11 28.18 -22.06
C PHE A 8 -17.31 29.32 -21.39
N ASN A 9 -16.40 29.94 -22.15
CA ASN A 9 -15.55 31.08 -21.71
C ASN A 9 -16.42 32.25 -21.26
N ALA A 10 -17.55 32.48 -21.92
CA ALA A 10 -18.47 33.59 -21.63
C ALA A 10 -19.17 33.36 -20.28
N ALA A 11 -19.59 32.12 -20.02
CA ALA A 11 -20.29 31.70 -18.77
C ALA A 11 -19.29 31.68 -17.59
N ARG A 12 -18.08 31.19 -17.84
CA ARG A 12 -17.00 31.11 -16.82
C ARG A 12 -16.67 32.53 -16.31
N ASP A 13 -16.54 33.50 -17.21
CA ASP A 13 -15.98 34.84 -16.93
C ASP A 13 -17.09 35.79 -16.44
N GLY A 14 -18.35 35.46 -16.73
CA GLY A 14 -19.55 36.18 -16.25
C GLY A 14 -19.96 37.31 -17.18
N LYS A 15 -19.75 37.12 -18.49
CA LYS A 15 -20.00 38.13 -19.56
C LYS A 15 -21.35 37.81 -20.23
N LEU A 16 -22.46 38.23 -19.61
CA LEU A 16 -23.85 37.88 -20.04
C LEU A 16 -24.25 38.65 -21.30
N ARG A 17 -23.79 39.91 -21.43
CA ARG A 17 -23.98 40.70 -22.68
C ARG A 17 -23.23 39.98 -23.81
N LEU A 18 -21.97 39.60 -23.58
CA LEU A 18 -21.09 38.92 -24.58
C LEU A 18 -21.72 37.58 -25.02
N LEU A 19 -22.42 36.89 -24.11
CA LEU A 19 -23.01 35.54 -24.35
C LEU A 19 -24.25 35.69 -25.24
N THR A 20 -25.23 36.46 -24.79
CA THR A 20 -26.57 36.60 -25.44
C THR A 20 -26.39 36.83 -26.95
N LYS A 21 -25.45 37.70 -27.34
CA LYS A 21 -25.19 38.06 -28.76
C LYS A 21 -24.66 36.82 -29.50
N LEU A 22 -24.05 35.88 -28.78
CA LEU A 22 -23.42 34.65 -29.36
C LEU A 22 -24.50 33.63 -29.75
N LEU A 23 -25.69 33.67 -29.12
CA LEU A 23 -26.79 32.67 -29.34
C LEU A 23 -27.99 33.33 -30.06
N ALA A 24 -27.94 34.64 -30.30
CA ALA A 24 -29.06 35.45 -30.83
C ALA A 24 -29.83 34.64 -31.90
N SER A 25 -29.17 34.28 -33.00
CA SER A 25 -29.76 33.57 -34.17
C SER A 25 -29.44 32.07 -34.11
N LYS A 26 -29.62 31.44 -32.93
CA LYS A 26 -29.54 29.96 -32.72
C LYS A 26 -30.84 29.49 -32.04
N SER A 27 -31.24 28.23 -32.30
CA SER A 27 -32.53 27.61 -31.84
C SER A 27 -32.39 27.10 -30.40
N LYS A 28 -33.51 27.01 -29.67
CA LYS A 28 -33.59 26.46 -28.29
C LYS A 28 -32.97 25.04 -28.29
N GLU A 29 -33.20 24.28 -29.36
CA GLU A 29 -32.58 22.94 -29.62
C GLU A 29 -31.05 23.08 -29.62
N GLU A 30 -30.52 23.98 -30.46
CA GLU A 30 -29.06 24.20 -30.67
C GLU A 30 -28.40 24.68 -29.37
N VAL A 31 -29.05 25.62 -28.65
CA VAL A 31 -28.53 26.25 -27.40
C VAL A 31 -28.40 25.19 -26.30
N SER A 32 -29.46 24.38 -26.08
CA SER A 32 -29.51 23.28 -25.08
C SER A 32 -28.35 22.31 -25.30
N SER A 33 -27.91 22.16 -26.56
CA SER A 33 -26.74 21.31 -26.95
C SER A 33 -25.43 21.99 -26.52
N LEU A 34 -25.25 23.26 -26.88
CA LEU A 34 -23.98 24.02 -26.70
C LEU A 34 -23.69 24.24 -25.20
N ILE A 35 -24.73 24.42 -24.37
CA ILE A 35 -24.63 24.63 -22.89
C ILE A 35 -24.56 23.25 -22.18
N SER A 36 -24.83 22.16 -22.90
CA SER A 36 -24.79 20.77 -22.38
C SER A 36 -23.35 20.26 -22.39
N GLU A 37 -22.50 20.76 -23.30
CA GLU A 37 -21.15 20.21 -23.62
C GLU A 37 -20.11 20.66 -22.58
N LYS A 38 -19.35 19.71 -22.07
CA LYS A 38 -18.22 19.93 -21.13
C LYS A 38 -17.07 20.58 -21.88
N THR A 39 -16.32 21.47 -21.21
CA THR A 39 -15.01 22.04 -21.63
C THR A 39 -14.11 22.10 -20.39
N ASN A 40 -12.85 21.66 -20.48
CA ASN A 40 -11.95 21.51 -19.30
C ASN A 40 -12.65 20.68 -18.20
N GLY A 41 -13.50 19.73 -18.58
CA GLY A 41 -14.17 18.78 -17.67
C GLY A 41 -15.42 19.35 -17.02
N ALA A 42 -15.88 20.53 -17.43
CA ALA A 42 -16.93 21.32 -16.72
C ALA A 42 -17.99 21.83 -17.71
N THR A 43 -19.25 21.87 -17.28
CA THR A 43 -20.37 22.57 -17.98
C THR A 43 -20.19 24.08 -17.85
N PRO A 44 -20.74 24.89 -18.78
CA PRO A 44 -20.87 26.34 -18.57
C PRO A 44 -21.55 26.71 -17.23
N LEU A 45 -22.61 26.00 -16.85
CA LEU A 45 -23.35 26.27 -15.58
C LEU A 45 -22.42 26.06 -14.37
N LEU A 46 -21.62 24.99 -14.38
CA LEU A 46 -20.73 24.61 -13.26
C LEU A 46 -19.70 25.72 -13.05
N MET A 47 -19.13 26.26 -14.13
CA MET A 47 -18.15 27.37 -14.05
C MET A 47 -18.86 28.66 -13.57
N ALA A 48 -20.03 28.96 -14.14
CA ALA A 48 -20.87 30.12 -13.76
C ALA A 48 -21.08 30.10 -12.23
N ALA A 49 -21.41 28.92 -11.68
CA ALA A 49 -21.67 28.72 -10.23
C ALA A 49 -20.36 28.80 -9.46
N ARG A 50 -19.31 28.18 -9.98
CA ARG A 50 -17.97 28.07 -9.32
C ARG A 50 -17.46 29.48 -9.00
N TYR A 51 -17.66 30.44 -9.90
CA TYR A 51 -17.09 31.81 -9.80
C TYR A 51 -18.19 32.85 -9.49
N GLY A 52 -19.40 32.38 -9.21
CA GLY A 52 -20.45 33.15 -8.46
C GLY A 52 -21.10 34.24 -9.29
N HIS A 53 -21.30 34.02 -10.58
CA HIS A 53 -21.99 34.94 -11.52
C HIS A 53 -23.50 34.64 -11.51
N LEU A 54 -24.26 35.29 -10.62
CA LEU A 54 -25.69 34.96 -10.34
C LEU A 54 -26.52 35.13 -11.62
N ASP A 55 -26.43 36.31 -12.24
CA ASP A 55 -27.15 36.65 -13.50
C ASP A 55 -26.95 35.52 -14.52
N MET A 56 -25.71 35.06 -14.68
CA MET A 56 -25.30 33.98 -15.62
C MET A 56 -26.03 32.67 -15.26
N VAL A 57 -26.02 32.29 -13.97
CA VAL A 57 -26.69 31.06 -13.45
C VAL A 57 -28.18 31.12 -13.81
N GLU A 58 -28.88 32.23 -13.48
CA GLU A 58 -30.33 32.41 -13.75
C GLU A 58 -30.60 32.22 -15.25
N PHE A 59 -29.79 32.86 -16.10
CA PHE A 59 -29.92 32.81 -17.59
C PHE A 59 -29.83 31.35 -18.06
N LEU A 60 -28.71 30.68 -17.75
CA LEU A 60 -28.39 29.31 -18.24
C LEU A 60 -29.50 28.31 -17.86
N LEU A 61 -29.97 28.36 -16.61
CA LEU A 61 -31.05 27.48 -16.09
C LEU A 61 -32.34 27.71 -16.88
N GLU A 62 -32.61 28.96 -17.26
CA GLU A 62 -33.87 29.40 -17.92
C GLU A 62 -33.90 28.95 -19.39
N GLN A 63 -32.75 28.52 -19.95
CA GLN A 63 -32.65 27.87 -21.29
C GLN A 63 -32.92 26.37 -21.15
N CYS A 64 -32.26 25.70 -20.18
CA CYS A 64 -32.36 24.23 -19.91
C CYS A 64 -31.87 23.92 -18.48
N SER A 65 -32.75 23.30 -17.66
CA SER A 65 -32.47 22.86 -16.25
C SER A 65 -31.66 21.55 -16.25
N ALA A 66 -31.10 21.17 -17.41
CA ALA A 66 -30.63 19.80 -17.72
C ALA A 66 -29.23 19.57 -17.12
N SER A 67 -28.43 20.62 -16.96
CA SER A 67 -27.01 20.56 -16.51
C SER A 67 -26.88 20.77 -14.99
N ILE A 68 -28.00 20.88 -14.27
CA ILE A 68 -28.04 21.34 -12.84
C ILE A 68 -27.40 20.27 -11.95
N GLU A 69 -27.47 19.00 -12.33
CA GLU A 69 -26.98 17.84 -11.54
C GLU A 69 -25.78 17.19 -12.24
N VAL A 70 -25.22 17.82 -13.27
CA VAL A 70 -24.05 17.27 -14.01
C VAL A 70 -22.77 17.74 -13.30
N GLY A 71 -21.98 16.79 -12.82
CA GLY A 71 -20.70 17.02 -12.14
C GLY A 71 -19.55 17.15 -13.13
N GLY A 72 -18.47 17.82 -12.71
CA GLY A 72 -17.32 18.12 -13.57
C GLY A 72 -16.13 18.60 -12.76
N SER A 73 -15.12 19.14 -13.43
CA SER A 73 -13.82 19.52 -12.86
C SER A 73 -13.84 21.00 -12.44
N VAL A 74 -13.56 21.29 -11.16
CA VAL A 74 -13.42 22.67 -10.59
C VAL A 74 -12.15 22.71 -9.75
N ASN A 75 -11.44 23.85 -9.76
CA ASN A 75 -10.13 24.04 -9.08
C ASN A 75 -10.36 24.85 -7.79
N PHE A 76 -9.96 24.28 -6.65
CA PHE A 76 -9.94 24.92 -5.32
C PHE A 76 -8.53 24.76 -4.71
N ASP A 77 -7.81 25.87 -4.58
CA ASP A 77 -6.45 25.94 -3.95
C ASP A 77 -5.48 25.02 -4.73
N GLY A 78 -5.49 25.13 -6.07
CA GLY A 78 -4.56 24.42 -6.97
C GLY A 78 -4.85 22.92 -7.06
N GLU A 79 -5.94 22.47 -6.44
CA GLU A 79 -6.43 21.07 -6.50
C GLU A 79 -7.61 21.04 -7.47
N THR A 80 -7.66 20.03 -8.35
CA THR A 80 -8.85 19.69 -9.17
C THR A 80 -9.76 18.78 -8.35
N ILE A 81 -11.06 19.02 -8.40
CA ILE A 81 -12.10 18.20 -7.73
C ILE A 81 -13.04 17.69 -8.81
N GLU A 82 -13.23 16.37 -8.87
CA GLU A 82 -13.98 15.69 -9.97
C GLU A 82 -15.39 15.40 -9.49
N GLY A 83 -16.36 15.52 -10.41
CA GLY A 83 -17.75 15.07 -10.22
C GLY A 83 -18.57 16.04 -9.37
N ALA A 84 -18.06 17.26 -9.18
CA ALA A 84 -18.68 18.34 -8.38
C ALA A 84 -19.84 18.94 -9.16
N PRO A 85 -21.09 18.79 -8.68
CA PRO A 85 -22.22 19.50 -9.25
C PRO A 85 -22.18 21.00 -8.95
N PRO A 86 -22.92 21.83 -9.72
CA PRO A 86 -22.95 23.28 -9.50
C PRO A 86 -23.19 23.71 -8.05
N LEU A 87 -24.15 23.08 -7.35
CA LEU A 87 -24.55 23.48 -5.98
C LEU A 87 -23.37 23.25 -5.04
N TRP A 88 -22.59 22.21 -5.29
CA TRP A 88 -21.40 21.89 -4.48
C TRP A 88 -20.34 22.99 -4.66
N ALA A 89 -20.02 23.33 -5.93
CA ALA A 89 -18.99 24.33 -6.32
C ALA A 89 -19.33 25.69 -5.69
N ALA A 90 -20.53 26.18 -5.92
CA ALA A 90 -21.09 27.42 -5.34
C ALA A 90 -20.87 27.44 -3.82
N SER A 91 -21.17 26.32 -3.15
CA SER A 91 -21.16 26.19 -1.67
C SER A 91 -19.73 26.28 -1.18
N ALA A 92 -18.83 25.52 -1.81
CA ALA A 92 -17.39 25.50 -1.50
C ALA A 92 -16.84 26.93 -1.59
N ALA A 93 -17.30 27.70 -2.58
CA ALA A 93 -16.69 28.98 -3.01
C ALA A 93 -17.29 30.16 -2.24
N GLY A 94 -18.37 29.95 -1.50
CA GLY A 94 -18.97 30.95 -0.60
C GLY A 94 -19.95 31.89 -1.31
N HIS A 95 -20.56 31.46 -2.42
CA HIS A 95 -21.49 32.26 -3.24
C HIS A 95 -22.93 31.95 -2.79
N LEU A 96 -23.41 32.63 -1.75
CA LEU A 96 -24.73 32.35 -1.12
C LEU A 96 -25.86 32.56 -2.13
N LYS A 97 -25.94 33.73 -2.78
CA LYS A 97 -27.03 34.06 -3.72
C LYS A 97 -27.18 32.92 -4.75
N VAL A 98 -26.05 32.36 -5.22
CA VAL A 98 -26.02 31.27 -6.24
C VAL A 98 -26.52 29.96 -5.61
N VAL A 99 -26.09 29.64 -4.40
CA VAL A 99 -26.61 28.49 -3.59
C VAL A 99 -28.14 28.61 -3.51
N GLN A 100 -28.67 29.80 -3.22
CA GLN A 100 -30.13 30.06 -3.05
C GLN A 100 -30.85 29.89 -4.40
N SER A 101 -30.23 30.33 -5.50
CA SER A 101 -30.78 30.27 -6.87
C SER A 101 -30.89 28.82 -7.36
N LEU A 102 -29.84 28.01 -7.16
CA LEU A 102 -29.78 26.60 -7.64
C LEU A 102 -30.84 25.76 -6.90
N LEU A 103 -31.03 26.00 -5.60
CA LEU A 103 -32.04 25.28 -4.78
C LEU A 103 -33.46 25.69 -5.23
N ASN A 104 -33.70 27.00 -5.40
CA ASN A 104 -34.97 27.53 -5.98
C ASN A 104 -35.33 26.72 -7.23
N HIS A 105 -34.35 26.49 -8.12
CA HIS A 105 -34.52 25.84 -9.44
C HIS A 105 -34.50 24.30 -9.31
N GLY A 106 -34.48 23.79 -8.08
CA GLY A 106 -34.81 22.39 -7.75
C GLY A 106 -33.58 21.52 -7.47
N ALA A 107 -32.38 22.11 -7.43
CA ALA A 107 -31.11 21.36 -7.27
C ALA A 107 -31.23 20.44 -6.06
N SER A 108 -30.61 19.25 -6.16
CA SER A 108 -30.59 18.17 -5.15
C SER A 108 -29.49 18.46 -4.11
N VAL A 109 -29.91 18.65 -2.86
CA VAL A 109 -29.16 19.39 -1.79
C VAL A 109 -28.05 18.49 -1.21
N ASN A 110 -28.09 17.18 -1.49
CA ASN A 110 -27.12 16.19 -0.97
C ASN A 110 -26.38 15.52 -2.14
N ASN A 111 -26.57 15.99 -3.38
CA ASN A 111 -25.82 15.48 -4.55
C ASN A 111 -24.34 15.80 -4.32
N THR A 112 -23.48 14.79 -4.44
CA THR A 112 -22.08 14.83 -3.96
C THR A 112 -21.10 14.83 -5.12
N THR A 113 -19.82 15.09 -4.80
CA THR A 113 -18.64 14.86 -5.66
C THR A 113 -18.41 13.35 -5.72
N LEU A 114 -17.41 12.91 -6.47
CA LEU A 114 -17.07 11.46 -6.59
C LEU A 114 -16.50 10.94 -5.26
N THR A 115 -16.00 11.82 -4.37
CA THR A 115 -15.54 11.48 -3.00
C THR A 115 -16.73 11.45 -2.02
N ASN A 116 -17.94 11.68 -2.50
CA ASN A 116 -19.19 11.66 -1.70
C ASN A 116 -19.20 12.83 -0.70
N SER A 117 -18.64 13.97 -1.08
CA SER A 117 -18.68 15.23 -0.31
C SER A 117 -19.94 15.99 -0.65
N THR A 118 -20.74 16.35 0.37
CA THR A 118 -22.02 17.09 0.19
C THR A 118 -21.70 18.58 0.04
N PRO A 119 -22.62 19.39 -0.52
CA PRO A 119 -22.50 20.84 -0.45
C PRO A 119 -22.35 21.32 1.00
N LEU A 120 -22.98 20.63 1.96
CA LEU A 120 -22.90 20.96 3.40
C LEU A 120 -21.45 20.80 3.84
N ARG A 121 -20.85 19.64 3.56
CA ARG A 121 -19.43 19.40 3.87
C ARG A 121 -18.61 20.54 3.27
N ALA A 122 -18.89 20.90 2.02
CA ALA A 122 -18.10 21.91 1.27
C ALA A 122 -18.12 23.24 2.02
N ALA A 123 -19.31 23.71 2.41
CA ALA A 123 -19.49 24.98 3.14
C ALA A 123 -18.81 24.88 4.50
N CYS A 124 -18.77 23.71 5.12
CA CYS A 124 -18.16 23.50 6.46
C CYS A 124 -16.64 23.68 6.39
N PHE A 125 -16.03 23.42 5.24
CA PHE A 125 -14.55 23.40 5.03
C PHE A 125 -13.99 24.82 5.20
N ASP A 126 -14.41 25.77 4.35
CA ASP A 126 -13.90 27.18 4.35
C ASP A 126 -14.71 28.04 5.32
N GLY A 127 -15.76 27.49 5.94
CA GLY A 127 -16.42 28.09 7.12
C GLY A 127 -17.47 29.13 6.75
N HIS A 128 -18.33 28.83 5.78
CA HIS A 128 -19.43 29.71 5.29
C HIS A 128 -20.69 29.41 6.10
N LEU A 129 -20.87 30.10 7.22
CA LEU A 129 -21.93 29.79 8.23
C LEU A 129 -23.32 29.98 7.60
N GLU A 130 -23.54 31.05 6.84
CA GLU A 130 -24.88 31.37 6.28
C GLU A 130 -25.27 30.27 5.28
N ILE A 131 -24.33 29.82 4.45
CA ILE A 131 -24.59 28.72 3.47
C ILE A 131 -24.92 27.43 4.23
N VAL A 132 -24.16 27.10 5.26
CA VAL A 132 -24.42 25.93 6.15
C VAL A 132 -25.87 26.02 6.64
N LYS A 133 -26.22 27.13 7.32
CA LYS A 133 -27.56 27.36 7.92
C LYS A 133 -28.61 27.18 6.81
N TYR A 134 -28.39 27.75 5.62
CA TYR A 134 -29.38 27.74 4.52
C TYR A 134 -29.55 26.31 3.99
N LEU A 135 -28.44 25.59 3.77
CA LEU A 135 -28.46 24.17 3.30
C LEU A 135 -29.25 23.31 4.29
N VAL A 136 -29.05 23.50 5.60
CA VAL A 136 -29.65 22.65 6.66
C VAL A 136 -31.16 22.97 6.75
N GLU A 137 -31.53 24.21 6.47
CA GLU A 137 -32.96 24.67 6.47
C GLU A 137 -33.61 24.26 5.16
N HIS A 138 -32.88 23.54 4.28
CA HIS A 138 -33.38 23.01 2.99
C HIS A 138 -33.10 21.49 2.89
N LYS A 139 -33.00 20.82 4.05
CA LYS A 139 -33.12 19.33 4.19
C LYS A 139 -31.76 18.63 4.01
N ALA A 140 -30.64 19.39 3.99
CA ALA A 140 -29.28 18.83 3.88
C ALA A 140 -29.06 17.80 5.01
N ASP A 141 -28.54 16.63 4.66
CA ASP A 141 -28.30 15.53 5.62
C ASP A 141 -26.98 15.82 6.32
N LEU A 142 -27.03 15.98 7.65
CA LEU A 142 -25.86 16.30 8.51
C LEU A 142 -24.90 15.12 8.53
N GLU A 143 -25.36 13.93 8.13
CA GLU A 143 -24.73 12.65 8.50
C GLU A 143 -24.17 11.94 7.27
N VAL A 144 -24.40 12.45 6.06
CA VAL A 144 -23.72 11.91 4.84
C VAL A 144 -22.24 12.22 4.97
N SER A 145 -21.39 11.22 5.11
CA SER A 145 -19.93 11.39 5.23
C SER A 145 -19.27 11.26 3.85
N ASN A 146 -18.03 11.74 3.68
CA ASN A 146 -17.26 11.40 2.46
C ASN A 146 -16.92 9.89 2.49
N ARG A 147 -16.22 9.38 1.46
CA ARG A 147 -16.05 7.93 1.22
C ARG A 147 -15.12 7.33 2.29
N HIS A 148 -14.37 8.16 3.04
CA HIS A 148 -13.54 7.76 4.21
C HIS A 148 -14.33 7.83 5.53
N GLY A 149 -15.62 8.21 5.49
CA GLY A 149 -16.48 8.30 6.67
C GLY A 149 -16.23 9.57 7.51
N HIS A 150 -15.54 10.57 6.95
CA HIS A 150 -15.34 11.90 7.59
C HIS A 150 -16.63 12.72 7.47
N THR A 151 -17.12 13.28 8.58
CA THR A 151 -18.43 13.96 8.69
C THR A 151 -18.26 15.48 8.57
N CYS A 152 -19.37 16.18 8.46
CA CYS A 152 -19.44 17.66 8.45
C CYS A 152 -18.95 18.21 9.79
N LEU A 153 -19.27 17.55 10.89
CA LEU A 153 -18.88 17.97 12.26
C LEU A 153 -17.39 17.74 12.41
N MET A 154 -16.86 16.66 11.85
CA MET A 154 -15.41 16.34 11.92
C MET A 154 -14.62 17.45 11.22
N ILE A 155 -14.95 17.79 9.97
CA ILE A 155 -14.19 18.81 9.19
C ILE A 155 -14.40 20.19 9.84
N SER A 156 -15.60 20.48 10.32
CA SER A 156 -15.89 21.73 11.04
C SER A 156 -14.91 21.87 12.21
N CYS A 157 -14.66 20.78 12.93
CA CYS A 157 -13.79 20.75 14.12
C CYS A 157 -12.33 20.93 13.69
N TYR A 158 -11.91 20.24 12.65
CA TYR A 158 -10.52 20.26 12.18
C TYR A 158 -10.13 21.67 11.71
N LYS A 159 -11.05 22.40 11.06
CA LYS A 159 -10.75 23.74 10.46
C LYS A 159 -10.99 24.86 11.49
N GLY A 160 -11.40 24.49 12.71
CA GLY A 160 -11.53 25.38 13.87
C GLY A 160 -12.74 26.31 13.79
N HIS A 161 -13.81 25.93 13.07
CA HIS A 161 -15.07 26.70 12.97
C HIS A 161 -16.02 26.33 14.12
N LYS A 162 -15.91 27.01 15.26
CA LYS A 162 -16.67 26.68 16.51
C LYS A 162 -18.14 26.93 16.28
N GLU A 163 -18.47 28.02 15.59
CA GLU A 163 -19.88 28.45 15.31
C GLU A 163 -20.60 27.39 14.48
N ILE A 164 -20.00 26.98 13.39
CA ILE A 164 -20.56 25.94 12.50
C ILE A 164 -20.71 24.64 13.28
N ALA A 165 -19.68 24.23 14.01
CA ALA A 165 -19.71 23.01 14.86
C ALA A 165 -20.86 23.13 15.88
N GLN A 166 -20.95 24.28 16.55
CA GLN A 166 -22.03 24.60 17.52
C GLN A 166 -23.40 24.44 16.83
N TYR A 167 -23.57 25.01 15.64
CA TYR A 167 -24.86 24.95 14.89
C TYR A 167 -25.22 23.51 14.53
N LEU A 168 -24.24 22.71 14.11
CA LEU A 168 -24.45 21.30 13.73
C LEU A 168 -24.87 20.51 14.97
N LEU A 169 -24.21 20.77 16.10
CA LEU A 169 -24.45 20.04 17.37
C LEU A 169 -25.89 20.29 17.85
N GLU A 170 -26.37 21.55 17.79
CA GLU A 170 -27.72 21.90 18.31
C GLU A 170 -28.76 21.45 17.28
N LYS A 171 -28.36 21.22 16.03
CA LYS A 171 -29.27 20.66 14.99
C LYS A 171 -29.22 19.11 15.00
N GLY A 172 -28.47 18.49 15.93
CA GLY A 172 -28.62 17.06 16.29
C GLY A 172 -27.52 16.14 15.71
N ALA A 173 -26.41 16.70 15.21
CA ALA A 173 -25.27 15.93 14.68
C ALA A 173 -24.83 14.87 15.71
N ASP A 174 -24.47 13.69 15.20
CA ASP A 174 -23.92 12.57 16.00
C ASP A 174 -22.44 12.88 16.25
N VAL A 175 -22.05 13.02 17.53
CA VAL A 175 -20.68 13.43 17.97
C VAL A 175 -19.77 12.23 18.02
N ASN A 176 -20.32 11.01 18.08
CA ASN A 176 -19.53 9.76 18.32
C ASN A 176 -19.33 8.94 17.02
N ARG A 177 -19.76 9.46 15.86
CA ARG A 177 -19.41 8.87 14.52
C ARG A 177 -17.89 8.63 14.46
N LYS A 178 -17.49 7.63 13.69
CA LYS A 178 -16.09 7.25 13.46
C LYS A 178 -15.85 7.22 11.97
N SER A 179 -14.76 7.82 11.49
CA SER A 179 -14.24 7.56 10.12
C SER A 179 -13.87 6.07 10.01
N VAL A 180 -13.79 5.55 8.80
CA VAL A 180 -13.32 4.18 8.49
C VAL A 180 -12.04 3.90 9.31
N LYS A 181 -11.15 4.87 9.48
CA LYS A 181 -9.87 4.65 10.23
C LYS A 181 -10.04 5.06 11.71
N GLY A 182 -11.27 5.26 12.18
CA GLY A 182 -11.59 5.48 13.60
C GLY A 182 -11.36 6.92 14.08
N ASN A 183 -11.20 7.89 13.18
CA ASN A 183 -11.18 9.33 13.51
C ASN A 183 -12.56 9.73 14.07
N THR A 184 -12.57 10.41 15.21
CA THR A 184 -13.75 11.09 15.80
C THR A 184 -13.51 12.58 15.77
N ALA A 185 -14.56 13.38 15.98
CA ALA A 185 -14.50 14.87 16.00
C ALA A 185 -13.49 15.35 17.04
N LEU A 186 -13.40 14.66 18.18
CA LEU A 186 -12.39 14.95 19.25
C LEU A 186 -10.96 14.86 18.68
N HIS A 187 -10.66 13.84 17.87
CA HIS A 187 -9.34 13.68 17.21
C HIS A 187 -9.08 14.89 16.28
N ASP A 188 -10.08 15.31 15.51
CA ASP A 188 -10.01 16.53 14.64
C ASP A 188 -9.71 17.77 15.51
N CYS A 189 -10.29 17.85 16.69
CA CYS A 189 -10.03 18.98 17.63
C CYS A 189 -8.57 18.93 18.09
N ALA A 190 -8.10 17.74 18.51
CA ALA A 190 -6.74 17.53 19.05
C ALA A 190 -5.68 17.89 18.01
N GLU A 191 -5.93 17.58 16.73
CA GLU A 191 -4.93 17.73 15.64
C GLU A 191 -4.91 19.18 15.12
N SER A 192 -5.86 20.01 15.53
CA SER A 192 -5.97 21.42 15.06
C SER A 192 -5.73 22.39 16.22
N GLY A 193 -5.63 21.87 17.45
CA GLY A 193 -5.52 22.68 18.68
C GLY A 193 -6.80 23.47 18.95
N SER A 194 -7.95 22.97 18.50
CA SER A 194 -9.28 23.61 18.72
C SER A 194 -9.79 23.23 20.12
N LEU A 195 -9.31 23.91 21.16
CA LEU A 195 -9.57 23.55 22.57
C LEU A 195 -11.02 23.85 22.93
N ASP A 196 -11.50 25.01 22.52
CA ASP A 196 -12.88 25.47 22.83
C ASP A 196 -13.88 24.45 22.23
N ILE A 197 -13.77 24.15 20.95
CA ILE A 197 -14.61 23.13 20.26
C ILE A 197 -14.51 21.78 21.03
N MET A 198 -13.29 21.33 21.38
CA MET A 198 -13.10 20.11 22.20
C MET A 198 -13.96 20.19 23.47
N LYS A 199 -13.87 21.30 24.21
CA LYS A 199 -14.66 21.55 25.46
C LYS A 199 -16.16 21.48 25.16
N MET A 200 -16.59 22.05 24.06
CA MET A 200 -18.00 22.02 23.62
C MET A 200 -18.42 20.56 23.37
N LEU A 201 -17.65 19.81 22.55
CA LEU A 201 -17.92 18.38 22.24
C LEU A 201 -18.08 17.59 23.55
N LEU A 202 -17.19 17.82 24.53
CA LEU A 202 -17.22 17.09 25.83
C LEU A 202 -18.51 17.40 26.61
N MET A 203 -19.12 18.57 26.41
CA MET A 203 -20.41 18.93 27.08
C MET A 203 -21.59 18.27 26.34
N TYR A 204 -21.42 17.94 25.07
CA TYR A 204 -22.36 17.12 24.26
C TYR A 204 -22.03 15.63 24.41
N CYS A 205 -21.20 15.26 25.40
CA CYS A 205 -20.96 13.86 25.88
C CYS A 205 -20.19 13.03 24.81
N ALA A 206 -19.37 13.70 23.99
CA ALA A 206 -18.38 13.06 23.08
C ALA A 206 -17.42 12.17 23.90
N LYS A 207 -17.33 10.89 23.53
CA LYS A 207 -16.50 9.86 24.20
C LYS A 207 -15.11 9.87 23.57
N MET A 208 -14.07 9.91 24.40
CA MET A 208 -12.68 9.82 23.95
C MET A 208 -12.33 8.34 23.73
N GLU A 209 -11.89 8.02 22.53
CA GLU A 209 -11.65 6.63 22.06
C GLU A 209 -10.34 6.58 21.28
N LYS A 210 -9.68 5.40 21.27
CA LYS A 210 -8.52 5.13 20.38
C LYS A 210 -9.03 5.07 18.94
N ASP A 211 -8.25 5.58 17.99
CA ASP A 211 -8.54 5.51 16.53
C ASP A 211 -7.83 4.30 15.96
N GLY A 212 -7.83 4.15 14.64
CA GLY A 212 -7.28 2.98 13.94
C GLY A 212 -5.79 2.80 14.19
N TYR A 213 -5.07 3.85 14.57
CA TYR A 213 -3.63 3.82 14.94
C TYR A 213 -3.45 3.51 16.43
N GLY A 214 -4.53 3.32 17.19
CA GLY A 214 -4.49 3.19 18.65
C GLY A 214 -4.28 4.52 19.39
N MET A 215 -4.57 5.67 18.74
CA MET A 215 -4.34 7.03 19.31
C MET A 215 -5.65 7.60 19.89
N THR A 216 -5.63 7.99 21.16
CA THR A 216 -6.68 8.82 21.79
C THR A 216 -6.50 10.27 21.34
N PRO A 217 -7.56 11.09 21.41
CA PRO A 217 -7.42 12.53 21.20
C PRO A 217 -6.20 13.12 21.94
N LEU A 218 -5.98 12.73 23.20
CA LEU A 218 -4.83 13.17 24.03
C LEU A 218 -3.54 12.91 23.26
N LEU A 219 -3.31 11.68 22.82
CA LEU A 219 -2.03 11.29 22.15
C LEU A 219 -1.92 11.96 20.79
N SER A 220 -3.04 12.11 20.07
CA SER A 220 -3.10 12.81 18.77
C SER A 220 -2.60 14.26 18.94
N ALA A 221 -2.97 14.89 20.05
CA ALA A 221 -2.52 16.25 20.42
C ALA A 221 -1.01 16.23 20.74
N SER A 222 -0.53 15.20 21.43
CA SER A 222 0.90 15.05 21.78
C SER A 222 1.74 14.92 20.48
N VAL A 223 1.26 14.15 19.51
CA VAL A 223 1.96 13.92 18.21
C VAL A 223 2.11 15.26 17.48
N THR A 224 1.06 16.09 17.46
CA THR A 224 0.96 17.27 16.57
C THR A 224 1.46 18.51 17.30
N GLY A 225 1.68 18.40 18.61
CA GLY A 225 2.37 19.41 19.41
C GLY A 225 1.45 20.54 19.83
N HIS A 226 0.15 20.28 19.95
CA HIS A 226 -0.85 21.24 20.50
C HIS A 226 -0.86 21.13 22.03
N THR A 227 -0.01 21.88 22.69
CA THR A 227 0.22 21.83 24.14
C THR A 227 -1.05 22.25 24.90
N ASN A 228 -1.89 23.11 24.30
CA ASN A 228 -3.17 23.57 24.93
C ASN A 228 -4.04 22.31 25.20
N ILE A 229 -4.14 21.40 24.23
CA ILE A 229 -4.97 20.16 24.34
C ILE A 229 -4.32 19.21 25.35
N VAL A 230 -3.01 19.03 25.28
CA VAL A 230 -2.31 18.12 26.20
C VAL A 230 -2.51 18.63 27.63
N ASP A 231 -2.28 19.92 27.89
CA ASP A 231 -2.44 20.51 29.25
C ASP A 231 -3.86 20.24 29.77
N PHE A 232 -4.89 20.49 28.97
CA PHE A 232 -6.31 20.27 29.36
C PHE A 232 -6.57 18.80 29.71
N LEU A 233 -6.24 17.87 28.78
CA LEU A 233 -6.64 16.45 28.91
C LEU A 233 -5.77 15.71 29.95
N THR A 234 -4.56 16.22 30.28
CA THR A 234 -3.69 15.60 31.33
C THR A 234 -4.16 16.04 32.73
N HIS A 235 -5.12 16.97 32.83
CA HIS A 235 -5.75 17.43 34.10
C HIS A 235 -7.23 16.98 34.14
N HIS A 236 -7.66 16.15 33.16
CA HIS A 236 -9.07 15.68 32.98
C HIS A 236 -9.24 14.28 33.61
N ALA A 237 -10.37 14.05 34.27
CA ALA A 237 -10.62 12.88 35.16
C ALA A 237 -10.66 11.57 34.35
N GLN A 238 -10.90 11.65 33.05
CA GLN A 238 -11.10 10.48 32.16
C GLN A 238 -9.73 9.97 31.67
N THR A 239 -8.62 10.60 32.09
CA THR A 239 -7.24 10.22 31.70
C THR A 239 -6.52 9.71 32.95
N SER A 240 -5.87 8.55 32.81
CA SER A 240 -5.16 7.83 33.89
C SER A 240 -3.73 8.39 34.04
N LYS A 241 -3.05 8.04 35.14
CA LYS A 241 -1.66 8.46 35.45
C LYS A 241 -0.73 8.00 34.32
N THR A 242 -0.88 6.75 33.88
CA THR A 242 -0.05 6.13 32.82
C THR A 242 -0.27 6.87 31.49
N GLU A 243 -1.50 7.35 31.23
CA GLU A 243 -1.86 8.07 29.96
C GLU A 243 -1.24 9.48 29.98
N ARG A 244 -1.21 10.12 31.13
CA ARG A 244 -0.64 11.48 31.29
C ARG A 244 0.87 11.40 31.04
N ILE A 245 1.53 10.43 31.67
CA ILE A 245 3.01 10.24 31.62
C ILE A 245 3.43 10.04 30.14
N ASN A 246 2.76 9.15 29.44
CA ASN A 246 3.11 8.80 28.03
C ASN A 246 2.80 10.00 27.12
N ALA A 247 1.72 10.74 27.39
CA ALA A 247 1.33 11.94 26.62
C ALA A 247 2.38 13.04 26.82
N LEU A 248 2.82 13.27 28.04
CA LEU A 248 3.85 14.30 28.35
C LEU A 248 5.14 13.93 27.63
N GLU A 249 5.55 12.67 27.71
CA GLU A 249 6.82 12.16 27.15
C GLU A 249 6.81 12.29 25.63
N LEU A 250 5.69 11.97 24.98
CA LEU A 250 5.54 12.04 23.51
C LEU A 250 5.53 13.51 23.07
N LEU A 251 4.82 14.37 23.79
CA LEU A 251 4.84 15.83 23.55
C LEU A 251 6.29 16.32 23.68
N GLY A 252 7.03 15.83 24.67
CA GLY A 252 8.47 16.09 24.82
C GLY A 252 9.21 15.80 23.52
N ALA A 253 8.96 14.64 22.91
CA ALA A 253 9.65 14.21 21.67
C ALA A 253 9.28 15.17 20.53
N THR A 254 8.01 15.55 20.42
CA THR A 254 7.52 16.47 19.37
C THR A 254 8.22 17.84 19.53
N PHE A 255 8.45 18.27 20.76
CA PHE A 255 9.19 19.53 21.06
C PHE A 255 10.62 19.43 20.52
N VAL A 256 11.25 18.26 20.67
CA VAL A 256 12.63 17.98 20.15
C VAL A 256 12.60 18.06 18.63
N ASP A 257 11.69 17.34 17.98
CA ASP A 257 11.75 17.09 16.51
C ASP A 257 10.97 18.17 15.73
N LYS A 258 9.70 18.45 16.07
CA LYS A 258 8.85 19.42 15.33
C LYS A 258 9.27 20.86 15.67
N LYS A 259 9.39 21.19 16.97
CA LYS A 259 9.56 22.59 17.46
C LYS A 259 11.05 22.94 17.60
N ARG A 260 11.94 21.96 17.57
CA ARG A 260 13.41 22.17 17.76
C ARG A 260 13.62 23.01 19.03
N ASP A 261 12.93 22.65 20.12
CA ASP A 261 12.94 23.36 21.41
C ASP A 261 13.38 22.38 22.51
N LEU A 262 14.66 22.29 22.77
CA LEU A 262 15.23 21.25 23.66
C LEU A 262 14.87 21.54 25.13
N LEU A 263 15.01 22.80 25.59
CA LEU A 263 14.66 23.22 26.98
C LEU A 263 13.20 22.84 27.27
N GLY A 264 12.29 23.09 26.33
CA GLY A 264 10.86 22.75 26.48
C GLY A 264 10.63 21.26 26.58
N ALA A 265 11.28 20.47 25.72
CA ALA A 265 11.26 18.99 25.75
C ALA A 265 11.56 18.52 27.17
N LEU A 266 12.61 19.08 27.77
CA LEU A 266 13.18 18.58 29.05
C LEU A 266 12.18 18.84 30.18
N LYS A 267 11.52 20.00 30.18
CA LYS A 267 10.47 20.35 31.16
C LYS A 267 9.45 19.20 31.18
N TYR A 268 9.02 18.76 30.02
CA TYR A 268 7.95 17.75 29.89
C TYR A 268 8.46 16.43 30.41
N TRP A 269 9.68 16.07 30.04
CA TRP A 269 10.28 14.76 30.42
C TRP A 269 10.46 14.73 31.94
N LYS A 270 10.87 15.84 32.56
CA LYS A 270 11.10 15.90 34.03
C LYS A 270 9.75 15.74 34.76
N LYS A 271 8.71 16.41 34.27
CA LYS A 271 7.34 16.31 34.84
C LYS A 271 6.91 14.84 34.80
N ALA A 272 7.00 14.20 33.63
CA ALA A 272 6.52 12.82 33.40
C ALA A 272 7.31 11.85 34.27
N MET A 273 8.61 12.11 34.42
CA MET A 273 9.56 11.27 35.21
C MET A 273 9.21 11.37 36.70
N ASN A 274 8.92 12.58 37.19
CA ASN A 274 8.49 12.80 38.60
C ASN A 274 7.12 12.12 38.83
N MET A 275 6.18 12.24 37.88
CA MET A 275 4.87 11.51 37.94
C MET A 275 5.13 9.99 38.11
N ARG A 276 6.13 9.45 37.40
CA ARG A 276 6.45 7.98 37.37
C ARG A 276 6.83 7.46 38.77
N TYR A 277 7.50 8.28 39.62
CA TYR A 277 7.97 7.89 40.99
C TYR A 277 7.46 8.89 42.05
N SER A 278 6.16 9.21 42.05
CA SER A 278 5.49 10.09 43.03
C SER A 278 4.69 9.26 44.05
N ASP A 279 4.67 7.94 43.86
CA ASP A 279 4.04 6.94 44.77
C ASP A 279 4.92 5.69 44.79
N ARG A 280 5.53 5.37 45.94
CA ARG A 280 6.35 4.14 46.15
C ARG A 280 5.44 2.91 46.05
N THR A 281 4.13 3.08 46.33
CA THR A 281 3.09 2.01 46.29
C THR A 281 2.66 1.70 44.83
N ASN A 282 2.88 2.63 43.89
CA ASN A 282 2.42 2.52 42.48
C ASN A 282 3.48 3.13 41.53
N ILE A 283 4.68 2.54 41.48
CA ILE A 283 5.76 2.97 40.56
C ILE A 283 5.40 2.53 39.13
N ILE A 284 5.43 3.46 38.18
CA ILE A 284 5.19 3.22 36.72
C ILE A 284 6.55 3.25 36.01
N SER A 285 7.18 2.08 35.87
CA SER A 285 8.54 1.87 35.31
C SER A 285 8.50 1.99 33.78
N LYS A 286 9.57 2.52 33.18
CA LYS A 286 9.68 2.61 31.70
C LYS A 286 9.84 1.20 31.13
N PRO A 287 8.95 0.80 30.19
CA PRO A 287 9.09 -0.50 29.51
C PRO A 287 10.44 -0.62 28.79
N VAL A 288 11.05 -1.78 28.84
CA VAL A 288 12.33 -2.05 28.13
C VAL A 288 12.00 -2.64 26.76
N PRO A 289 12.44 -1.99 25.65
CA PRO A 289 12.18 -2.52 24.31
C PRO A 289 12.96 -3.83 24.12
N GLN A 290 12.56 -4.61 23.13
CA GLN A 290 13.09 -5.98 22.90
C GLN A 290 14.59 -5.90 22.54
N THR A 291 15.00 -4.97 21.66
CA THR A 291 16.39 -4.87 21.16
C THR A 291 16.84 -3.40 21.05
N LEU A 292 18.15 -3.18 21.15
CA LEU A 292 18.83 -1.91 20.82
C LEU A 292 18.85 -1.76 19.29
N ILE A 293 18.83 -0.52 18.82
CA ILE A 293 18.74 -0.16 17.39
C ILE A 293 20.04 0.51 17.00
N MET A 294 20.74 -0.03 16.02
CA MET A 294 22.02 0.50 15.54
C MET A 294 21.82 1.95 15.09
N ALA A 295 20.75 2.22 14.37
CA ALA A 295 20.43 3.55 13.80
C ALA A 295 20.14 4.59 14.90
N TYR A 296 19.75 4.15 16.12
CA TYR A 296 19.61 5.03 17.33
C TYR A 296 20.91 5.07 18.16
N ASP A 297 22.04 4.61 17.59
CA ASP A 297 23.33 4.46 18.32
C ASP A 297 23.14 3.60 19.59
N TYR A 298 22.28 2.60 19.51
CA TYR A 298 22.09 1.61 20.60
C TYR A 298 21.69 2.32 21.90
N ALA A 299 21.03 3.48 21.80
CA ALA A 299 20.61 4.30 22.97
C ALA A 299 19.42 3.63 23.68
N LYS A 300 19.24 3.96 24.94
CA LYS A 300 18.22 3.43 25.86
C LYS A 300 17.59 4.64 26.57
N GLU A 301 16.28 4.65 26.75
CA GLU A 301 15.57 5.76 27.42
C GLU A 301 16.14 5.95 28.84
N VAL A 302 16.39 7.20 29.24
CA VAL A 302 16.61 7.61 30.65
C VAL A 302 15.46 7.06 31.50
N ASN A 303 15.74 6.53 32.70
CA ASN A 303 14.76 5.88 33.59
C ASN A 303 14.80 6.53 34.98
N SER A 304 15.31 7.77 35.09
CA SER A 304 15.43 8.50 36.38
C SER A 304 15.53 10.01 36.17
N ALA A 305 15.11 10.79 37.17
CA ALA A 305 15.27 12.26 37.26
C ALA A 305 16.76 12.64 37.16
N GLU A 306 17.65 11.84 37.77
CA GLU A 306 19.12 12.13 37.84
C GLU A 306 19.79 11.84 36.47
N GLU A 307 19.13 11.08 35.60
CA GLU A 307 19.64 10.78 34.23
C GLU A 307 19.25 11.90 33.24
N LEU A 308 18.27 12.73 33.60
CA LEU A 308 17.76 13.84 32.75
C LEU A 308 18.60 15.12 32.95
N GLU A 309 19.13 15.33 34.15
CA GLU A 309 19.65 16.64 34.60
C GLU A 309 20.60 17.24 33.56
N GLY A 310 21.59 16.45 33.09
CA GLY A 310 22.69 16.96 32.24
C GLY A 310 22.35 16.96 30.75
N LEU A 311 21.23 16.32 30.38
CA LEU A 311 20.85 15.98 28.98
C LEU A 311 20.93 17.20 28.06
N ILE A 312 20.58 18.40 28.55
CA ILE A 312 20.56 19.67 27.76
C ILE A 312 21.89 19.83 27.03
N ALA A 313 23.02 19.42 27.66
CA ALA A 313 24.42 19.58 27.16
C ALA A 313 24.73 18.55 26.07
N ASP A 314 23.92 17.48 25.94
CA ASP A 314 24.08 16.40 24.93
C ASP A 314 22.86 16.40 24.01
N PRO A 315 22.79 17.32 23.03
CA PRO A 315 21.64 17.40 22.13
C PRO A 315 21.43 16.10 21.33
N ASP A 316 22.53 15.45 20.97
CA ASP A 316 22.52 14.18 20.20
C ASP A 316 21.80 13.10 21.02
N GLU A 317 22.08 13.02 22.32
CA GLU A 317 21.40 12.06 23.23
C GLU A 317 19.89 12.39 23.28
N MET A 318 19.53 13.68 23.29
CA MET A 318 18.11 14.11 23.38
C MET A 318 17.37 13.75 22.09
N ARG A 319 18.04 13.82 20.93
CA ARG A 319 17.43 13.45 19.65
C ARG A 319 17.16 11.94 19.61
N MET A 320 18.08 11.12 20.14
CA MET A 320 17.92 9.66 20.21
C MET A 320 16.79 9.32 21.20
N GLN A 321 16.68 10.05 22.30
CA GLN A 321 15.59 9.84 23.30
C GLN A 321 14.26 10.07 22.59
N ALA A 322 14.17 11.14 21.81
CA ALA A 322 12.95 11.51 21.07
C ALA A 322 12.50 10.34 20.21
N LEU A 323 13.42 9.72 19.46
CA LEU A 323 13.10 8.59 18.53
C LEU A 323 12.66 7.35 19.32
N LEU A 324 13.31 7.05 20.44
CA LEU A 324 12.94 5.90 21.33
C LEU A 324 11.52 6.08 21.84
N ILE A 325 11.22 7.27 22.34
CA ILE A 325 9.92 7.62 22.97
C ILE A 325 8.84 7.42 21.92
N ARG A 326 9.00 8.03 20.75
CA ARG A 326 8.01 7.97 19.66
C ARG A 326 7.82 6.50 19.24
N GLU A 327 8.91 5.73 19.10
CA GLU A 327 8.81 4.32 18.66
C GLU A 327 8.05 3.53 19.72
N ARG A 328 8.35 3.75 21.00
CA ARG A 328 7.70 3.02 22.11
C ARG A 328 6.20 3.38 22.12
N ILE A 329 5.85 4.67 22.01
CA ILE A 329 4.46 5.13 22.32
C ILE A 329 3.56 4.99 21.08
N LEU A 330 4.04 5.34 19.89
CA LEU A 330 3.24 5.25 18.62
C LEU A 330 3.40 3.87 18.00
N GLY A 331 4.57 3.23 18.15
CA GLY A 331 4.92 1.98 17.46
C GLY A 331 5.36 2.21 16.01
N PRO A 332 5.81 1.16 15.31
CA PRO A 332 6.35 1.32 13.95
C PRO A 332 5.28 1.43 12.83
N SER A 333 3.99 1.17 13.14
CA SER A 333 2.85 1.21 12.17
C SER A 333 2.33 2.64 11.97
N HIS A 334 2.61 3.53 12.88
CA HIS A 334 2.16 4.93 12.83
C HIS A 334 3.09 5.71 11.89
N PRO A 335 2.57 6.40 10.86
CA PRO A 335 3.43 7.01 9.85
C PRO A 335 4.43 8.06 10.37
N ASP A 336 4.16 8.70 11.51
CA ASP A 336 5.02 9.79 12.06
C ASP A 336 6.34 9.20 12.62
N THR A 337 6.38 7.93 12.98
CA THR A 337 7.59 7.27 13.52
C THR A 337 8.68 7.33 12.44
N SER A 338 8.40 6.79 11.26
CA SER A 338 9.35 6.79 10.12
C SER A 338 9.57 8.22 9.63
N TYR A 339 8.53 9.06 9.61
CA TYR A 339 8.62 10.47 9.13
C TYR A 339 9.73 11.19 9.89
N TYR A 340 9.75 11.06 11.23
CA TYR A 340 10.69 11.78 12.12
C TYR A 340 12.06 11.09 12.12
N ILE A 341 12.13 9.76 11.96
CA ILE A 341 13.43 9.06 11.73
C ILE A 341 14.09 9.67 10.48
N ARG A 342 13.37 9.73 9.37
CA ARG A 342 13.87 10.32 8.10
C ARG A 342 14.27 11.79 8.32
N TYR A 343 13.40 12.59 8.92
CA TYR A 343 13.67 14.02 9.17
C TYR A 343 14.99 14.15 9.93
N ARG A 344 15.19 13.35 10.99
CA ARG A 344 16.39 13.40 11.84
C ARG A 344 17.63 13.06 11.01
N GLY A 345 17.53 12.03 10.17
CA GLY A 345 18.56 11.69 9.20
C GLY A 345 18.92 12.89 8.34
N ALA A 346 17.92 13.54 7.75
CA ALA A 346 18.15 14.69 6.84
C ALA A 346 18.89 15.80 7.59
N VAL A 347 18.61 15.99 8.89
CA VAL A 347 19.25 17.08 9.69
C VAL A 347 20.75 16.76 9.84
N TYR A 348 21.11 15.51 10.18
CA TYR A 348 22.54 15.03 10.23
C TYR A 348 23.24 15.23 8.88
N ALA A 349 22.55 14.99 7.76
CA ALA A 349 23.09 15.16 6.39
C ALA A 349 23.39 16.63 6.16
N ASP A 350 22.55 17.52 6.66
CA ASP A 350 22.74 18.99 6.59
C ASP A 350 24.04 19.39 7.35
N SER A 351 24.38 18.70 8.45
CA SER A 351 25.65 18.90 9.24
C SER A 351 26.85 18.31 8.53
N GLY A 352 26.63 17.44 7.53
CA GLY A 352 27.70 16.76 6.79
C GLY A 352 27.84 15.30 7.20
N ASN A 353 26.97 14.80 8.09
CA ASN A 353 27.07 13.40 8.58
C ASN A 353 26.16 12.50 7.72
N PHE A 354 26.65 12.10 6.55
CA PHE A 354 25.89 11.33 5.55
C PHE A 354 25.71 9.89 6.05
N LYS A 355 26.71 9.34 6.73
CA LYS A 355 26.67 7.95 7.25
C LYS A 355 25.51 7.82 8.22
N ARG A 356 25.35 8.77 9.11
CA ARG A 356 24.32 8.66 10.15
C ARG A 356 22.97 8.81 9.48
N CYS A 357 22.87 9.71 8.49
CA CYS A 357 21.66 9.89 7.68
C CYS A 357 21.26 8.55 7.07
N ILE A 358 22.19 7.92 6.34
CA ILE A 358 21.95 6.64 5.64
C ILE A 358 21.45 5.59 6.65
N ASN A 359 22.07 5.47 7.82
CA ASN A 359 21.71 4.39 8.81
C ASN A 359 20.30 4.66 9.37
N LEU A 360 19.92 5.92 9.62
CA LEU A 360 18.53 6.27 10.04
C LEU A 360 17.52 5.99 8.91
N TRP A 361 17.84 6.36 7.67
CA TRP A 361 16.95 6.13 6.48
C TRP A 361 16.83 4.63 6.20
N LYS A 362 17.90 3.88 6.34
CA LYS A 362 17.86 2.41 6.14
C LYS A 362 16.81 1.82 7.08
N TYR A 363 16.86 2.15 8.36
CA TYR A 363 15.93 1.61 9.39
C TYR A 363 14.49 2.18 9.16
N ALA A 364 14.35 3.42 8.72
CA ALA A 364 13.04 4.02 8.37
C ALA A 364 12.39 3.28 7.19
N LEU A 365 13.14 3.04 6.12
CA LEU A 365 12.61 2.37 4.90
C LEU A 365 12.25 0.91 5.22
N ASP A 366 13.00 0.22 6.05
CA ASP A 366 12.64 -1.15 6.53
C ASP A 366 11.31 -1.07 7.27
N MET A 367 11.11 -0.05 8.07
CA MET A 367 9.93 0.10 8.92
C MET A 367 8.71 0.31 8.01
N GLN A 368 8.81 1.24 7.04
CA GLN A 368 7.74 1.53 6.04
C GLN A 368 7.40 0.27 5.24
N GLN A 369 8.38 -0.39 4.62
CA GLN A 369 8.15 -1.62 3.82
C GLN A 369 7.29 -2.58 4.64
N SER A 370 7.65 -2.82 5.91
CA SER A 370 7.00 -3.78 6.85
C SER A 370 5.58 -3.31 7.26
N ASN A 371 5.16 -2.08 6.91
CA ASN A 371 3.77 -1.56 7.13
C ASN A 371 2.98 -1.61 5.83
N ASP B 2 12.26 -40.62 -10.34
CA ASP B 2 13.01 -41.27 -11.45
C ASP B 2 12.17 -41.24 -12.73
N LEU B 3 11.08 -42.01 -12.79
CA LEU B 3 10.27 -42.24 -14.04
C LEU B 3 9.26 -41.10 -14.25
N LYS B 4 8.60 -40.61 -13.19
CA LYS B 4 7.74 -39.39 -13.22
C LYS B 4 8.50 -38.29 -13.99
N THR B 5 9.79 -38.14 -13.67
CA THR B 5 10.69 -37.06 -14.14
C THR B 5 11.07 -37.33 -15.59
N ALA B 6 11.47 -38.56 -15.90
CA ALA B 6 11.87 -39.01 -17.27
C ALA B 6 10.74 -38.71 -18.25
N VAL B 7 9.51 -39.00 -17.83
CA VAL B 7 8.27 -38.78 -18.62
C VAL B 7 8.09 -37.29 -18.85
N PHE B 8 7.99 -36.51 -17.76
CA PHE B 8 7.89 -35.04 -17.78
C PHE B 8 8.98 -34.46 -18.71
N ASN B 9 10.23 -34.91 -18.55
CA ASN B 9 11.42 -34.38 -19.29
C ASN B 9 11.22 -34.61 -20.79
N ALA B 10 10.78 -35.80 -21.17
CA ALA B 10 10.62 -36.21 -22.58
C ALA B 10 9.45 -35.45 -23.19
N ALA B 11 8.42 -35.16 -22.40
CA ALA B 11 7.21 -34.42 -22.85
C ALA B 11 7.56 -32.96 -23.15
N ARG B 12 8.31 -32.34 -22.24
CA ARG B 12 8.79 -30.92 -22.35
C ARG B 12 9.69 -30.76 -23.59
N ASP B 13 10.56 -31.74 -23.87
CA ASP B 13 11.54 -31.66 -24.98
C ASP B 13 10.93 -32.25 -26.24
N GLY B 14 9.74 -32.82 -26.12
CA GLY B 14 8.97 -33.33 -27.26
C GLY B 14 9.63 -34.55 -27.89
N LYS B 15 10.30 -35.38 -27.09
CA LYS B 15 10.96 -36.66 -27.49
C LYS B 15 9.95 -37.81 -27.40
N LEU B 16 9.09 -37.96 -28.40
CA LEU B 16 7.91 -38.85 -28.34
C LEU B 16 8.37 -40.31 -28.38
N ARG B 17 9.34 -40.66 -29.20
CA ARG B 17 9.78 -42.08 -29.30
C ARG B 17 10.32 -42.52 -27.92
N LEU B 18 11.18 -41.71 -27.29
CA LEU B 18 11.71 -42.01 -25.93
C LEU B 18 10.53 -42.24 -24.96
N LEU B 19 9.57 -41.32 -24.92
CA LEU B 19 8.35 -41.42 -24.07
C LEU B 19 7.71 -42.82 -24.24
N THR B 20 7.46 -43.25 -25.48
CA THR B 20 6.74 -44.53 -25.77
C THR B 20 7.55 -45.73 -25.24
N LYS B 21 8.88 -45.64 -25.24
CA LYS B 21 9.77 -46.67 -24.65
C LYS B 21 9.62 -46.64 -23.12
N LEU B 22 9.35 -45.48 -22.53
CA LEU B 22 9.26 -45.32 -21.05
C LEU B 22 7.97 -45.95 -20.51
N LEU B 23 6.92 -46.03 -21.35
CA LEU B 23 5.53 -46.44 -20.94
C LEU B 23 5.18 -47.83 -21.50
N ALA B 24 6.13 -48.52 -22.16
CA ALA B 24 5.92 -49.74 -22.98
C ALA B 24 5.35 -50.89 -22.13
N SER B 25 5.89 -51.07 -20.93
CA SER B 25 5.45 -52.10 -19.94
C SER B 25 4.69 -51.40 -18.82
N LYS B 26 3.51 -50.84 -19.13
CA LYS B 26 2.65 -50.06 -18.20
C LYS B 26 1.21 -50.00 -18.75
N SER B 27 0.22 -50.03 -17.85
CA SER B 27 -1.25 -50.10 -18.15
C SER B 27 -1.83 -48.68 -18.37
N LYS B 28 -3.05 -48.59 -18.91
CA LYS B 28 -3.80 -47.33 -19.13
C LYS B 28 -3.87 -46.54 -17.80
N GLU B 29 -4.12 -47.23 -16.68
CA GLU B 29 -4.22 -46.65 -15.32
C GLU B 29 -2.90 -45.95 -14.96
N GLU B 30 -1.78 -46.69 -15.02
CA GLU B 30 -0.44 -46.22 -14.56
C GLU B 30 0.04 -45.05 -15.43
N VAL B 31 -0.22 -45.11 -16.74
CA VAL B 31 0.11 -44.03 -17.72
C VAL B 31 -0.75 -42.81 -17.40
N SER B 32 -2.03 -43.01 -17.05
CA SER B 32 -2.94 -41.94 -16.56
C SER B 32 -2.27 -41.19 -15.40
N SER B 33 -1.68 -41.95 -14.47
CA SER B 33 -1.02 -41.44 -13.23
C SER B 33 0.23 -40.62 -13.58
N LEU B 34 1.10 -41.16 -14.44
CA LEU B 34 2.46 -40.62 -14.73
C LEU B 34 2.35 -39.27 -15.46
N ILE B 35 1.40 -39.13 -16.39
CA ILE B 35 1.20 -37.90 -17.21
C ILE B 35 0.34 -36.87 -16.42
N SER B 36 -0.23 -37.27 -15.26
CA SER B 36 -1.10 -36.42 -14.38
C SER B 36 -0.27 -35.74 -13.28
N GLU B 37 1.00 -36.14 -13.11
CA GLU B 37 1.89 -35.67 -12.00
C GLU B 37 2.63 -34.39 -12.42
N LYS B 38 2.79 -33.47 -11.46
CA LYS B 38 3.47 -32.17 -11.66
C LYS B 38 4.97 -32.35 -11.39
N THR B 39 5.81 -31.75 -12.24
CA THR B 39 7.24 -31.44 -11.99
C THR B 39 7.46 -29.95 -12.32
N ASN B 40 8.15 -29.21 -11.44
CA ASN B 40 8.35 -27.73 -11.58
C ASN B 40 6.99 -27.05 -11.75
N GLY B 41 5.98 -27.53 -11.03
CA GLY B 41 4.61 -26.98 -11.01
C GLY B 41 3.87 -27.16 -12.33
N ALA B 42 4.26 -28.09 -13.19
CA ALA B 42 3.63 -28.26 -14.54
C ALA B 42 3.33 -29.73 -14.81
N THR B 43 2.24 -29.98 -15.56
CA THR B 43 1.93 -31.31 -16.17
C THR B 43 2.75 -31.46 -17.44
N PRO B 44 3.18 -32.70 -17.78
CA PRO B 44 3.75 -32.99 -19.09
C PRO B 44 3.04 -32.33 -20.29
N LEU B 45 1.69 -32.38 -20.27
CA LEU B 45 0.83 -31.77 -21.31
C LEU B 45 1.09 -30.27 -21.40
N LEU B 46 1.06 -29.57 -20.24
CA LEU B 46 1.31 -28.11 -20.13
C LEU B 46 2.63 -27.79 -20.83
N MET B 47 3.70 -28.55 -20.55
CA MET B 47 5.06 -28.25 -21.07
C MET B 47 5.15 -28.60 -22.57
N ALA B 48 4.49 -29.68 -23.02
CA ALA B 48 4.41 -30.05 -24.45
C ALA B 48 3.68 -28.95 -25.21
N ALA B 49 2.65 -28.37 -24.62
CA ALA B 49 1.83 -27.29 -25.24
C ALA B 49 2.63 -25.99 -25.26
N ARG B 50 3.29 -25.67 -24.14
CA ARG B 50 4.16 -24.48 -23.94
C ARG B 50 5.24 -24.45 -25.01
N TYR B 51 5.89 -25.56 -25.28
CA TYR B 51 7.08 -25.64 -26.15
C TYR B 51 6.72 -26.09 -27.56
N GLY B 52 5.44 -26.33 -27.84
CA GLY B 52 4.90 -26.42 -29.21
C GLY B 52 5.19 -27.75 -29.92
N HIS B 53 5.22 -28.87 -29.19
CA HIS B 53 5.45 -30.23 -29.72
C HIS B 53 4.11 -30.88 -30.10
N LEU B 54 3.64 -30.65 -31.33
CA LEU B 54 2.27 -31.02 -31.77
C LEU B 54 2.04 -32.52 -31.55
N ASP B 55 2.96 -33.35 -32.05
CA ASP B 55 2.84 -34.84 -32.01
C ASP B 55 2.78 -35.29 -30.55
N MET B 56 3.57 -34.68 -29.68
CA MET B 56 3.63 -35.01 -28.24
C MET B 56 2.28 -34.69 -27.57
N VAL B 57 1.65 -33.58 -27.97
CA VAL B 57 0.32 -33.14 -27.42
C VAL B 57 -0.73 -34.16 -27.88
N GLU B 58 -0.76 -34.47 -29.18
CA GLU B 58 -1.75 -35.42 -29.78
C GLU B 58 -1.63 -36.78 -29.07
N PHE B 59 -0.40 -37.22 -28.77
CA PHE B 59 -0.13 -38.52 -28.10
C PHE B 59 -0.62 -38.50 -26.65
N LEU B 60 -0.36 -37.41 -25.93
CA LEU B 60 -0.71 -37.32 -24.47
C LEU B 60 -2.24 -37.24 -24.31
N LEU B 61 -2.90 -36.42 -25.13
CA LEU B 61 -4.37 -36.31 -25.15
C LEU B 61 -5.02 -37.68 -25.44
N GLU B 62 -4.38 -38.52 -26.25
CA GLU B 62 -4.89 -39.86 -26.65
C GLU B 62 -4.80 -40.81 -25.45
N GLN B 63 -3.77 -40.65 -24.60
CA GLN B 63 -3.57 -41.50 -23.38
C GLN B 63 -4.67 -41.20 -22.35
N CYS B 64 -4.75 -39.95 -21.91
CA CYS B 64 -5.75 -39.46 -20.93
C CYS B 64 -5.93 -37.94 -21.14
N SER B 65 -7.19 -37.48 -21.25
CA SER B 65 -7.57 -36.08 -21.59
C SER B 65 -7.81 -35.24 -20.32
N ALA B 66 -7.72 -35.87 -19.12
CA ALA B 66 -8.10 -35.26 -17.80
C ALA B 66 -7.19 -34.07 -17.46
N SER B 67 -5.97 -34.05 -18.01
CA SER B 67 -4.95 -32.99 -17.78
C SER B 67 -5.39 -31.67 -18.43
N ILE B 68 -6.16 -31.73 -19.51
CA ILE B 68 -6.27 -30.63 -20.54
C ILE B 68 -6.64 -29.27 -19.91
N GLU B 69 -7.27 -29.25 -18.72
CA GLU B 69 -7.67 -27.98 -18.02
C GLU B 69 -6.82 -27.76 -16.75
N VAL B 70 -5.91 -28.66 -16.40
CA VAL B 70 -5.05 -28.50 -15.19
C VAL B 70 -4.06 -27.35 -15.46
N GLY B 71 -3.91 -26.43 -14.51
CA GLY B 71 -3.07 -25.22 -14.61
C GLY B 71 -1.75 -25.39 -13.86
N GLY B 72 -0.68 -24.75 -14.37
CA GLY B 72 0.67 -24.94 -13.84
C GLY B 72 1.61 -23.78 -14.14
N SER B 73 2.84 -23.90 -13.65
CA SER B 73 3.94 -22.91 -13.74
C SER B 73 4.56 -22.97 -15.14
N VAL B 74 4.46 -21.87 -15.89
CA VAL B 74 5.10 -21.70 -17.22
C VAL B 74 6.01 -20.48 -17.15
N ASN B 75 7.11 -20.50 -17.90
CA ASN B 75 8.09 -19.40 -18.01
C ASN B 75 7.90 -18.68 -19.36
N PHE B 76 7.76 -17.36 -19.32
CA PHE B 76 7.89 -16.46 -20.49
C PHE B 76 8.79 -15.28 -20.10
N ASP B 77 9.89 -15.07 -20.84
CA ASP B 77 10.78 -13.88 -20.72
C ASP B 77 11.28 -13.74 -19.28
N GLY B 78 11.64 -14.85 -18.63
CA GLY B 78 12.16 -14.88 -17.25
C GLY B 78 11.08 -14.72 -16.19
N GLU B 79 9.82 -14.49 -16.59
CA GLU B 79 8.65 -14.38 -15.66
C GLU B 79 7.95 -15.73 -15.54
N THR B 80 7.78 -16.24 -14.32
CA THR B 80 6.96 -17.43 -14.00
C THR B 80 5.49 -17.01 -13.90
N ILE B 81 4.60 -17.79 -14.49
CA ILE B 81 3.14 -17.53 -14.53
C ILE B 81 2.43 -18.78 -14.05
N GLU B 82 1.55 -18.64 -13.05
CA GLU B 82 0.95 -19.76 -12.29
C GLU B 82 -0.45 -20.05 -12.81
N GLY B 83 -0.90 -21.29 -12.64
CA GLY B 83 -2.26 -21.74 -13.00
C GLY B 83 -2.61 -21.41 -14.44
N ALA B 84 -1.65 -21.54 -15.36
CA ALA B 84 -1.86 -21.43 -16.82
C ALA B 84 -2.19 -22.81 -17.38
N PRO B 85 -3.40 -23.00 -17.96
CA PRO B 85 -3.72 -24.24 -18.68
C PRO B 85 -2.94 -24.37 -19.99
N PRO B 86 -2.79 -25.62 -20.52
CA PRO B 86 -2.12 -25.87 -21.79
C PRO B 86 -2.50 -24.94 -22.95
N LEU B 87 -3.77 -24.59 -23.08
CA LEU B 87 -4.28 -23.76 -24.19
C LEU B 87 -3.69 -22.35 -24.06
N TRP B 88 -3.79 -21.76 -22.87
CA TRP B 88 -3.22 -20.43 -22.55
C TRP B 88 -1.74 -20.40 -22.95
N ALA B 89 -0.95 -21.35 -22.47
CA ALA B 89 0.51 -21.43 -22.68
C ALA B 89 0.80 -21.51 -24.19
N ALA B 90 0.05 -22.33 -24.91
CA ALA B 90 0.22 -22.54 -26.36
C ALA B 90 -0.11 -21.24 -27.10
N SER B 91 -1.18 -20.55 -26.68
CA SER B 91 -1.61 -19.25 -27.27
C SER B 91 -0.51 -18.21 -27.05
N ALA B 92 0.05 -18.15 -25.86
CA ALA B 92 1.05 -17.13 -25.47
C ALA B 92 2.33 -17.34 -26.28
N ALA B 93 2.73 -18.60 -26.54
CA ALA B 93 4.00 -18.96 -27.23
C ALA B 93 3.82 -18.89 -28.76
N GLY B 94 2.58 -18.80 -29.24
CA GLY B 94 2.27 -18.64 -30.67
C GLY B 94 2.26 -19.97 -31.44
N HIS B 95 1.89 -21.07 -30.77
CA HIS B 95 1.80 -22.45 -31.34
C HIS B 95 0.36 -22.69 -31.84
N LEU B 96 0.04 -22.19 -33.04
CA LEU B 96 -1.33 -22.23 -33.66
C LEU B 96 -1.83 -23.67 -33.75
N LYS B 97 -1.02 -24.60 -34.32
CA LYS B 97 -1.43 -26.01 -34.54
C LYS B 97 -1.79 -26.63 -33.19
N VAL B 98 -0.96 -26.42 -32.15
CA VAL B 98 -1.24 -26.94 -30.77
C VAL B 98 -2.53 -26.31 -30.24
N VAL B 99 -2.78 -25.04 -30.55
CA VAL B 99 -4.03 -24.33 -30.18
C VAL B 99 -5.21 -25.00 -30.92
N GLN B 100 -5.05 -25.28 -32.19
CA GLN B 100 -6.09 -26.00 -33.01
C GLN B 100 -6.37 -27.35 -32.39
N SER B 101 -5.31 -28.07 -32.04
CA SER B 101 -5.37 -29.46 -31.53
C SER B 101 -6.11 -29.48 -30.19
N LEU B 102 -5.70 -28.62 -29.26
CA LEU B 102 -6.27 -28.60 -27.89
C LEU B 102 -7.78 -28.28 -27.92
N LEU B 103 -8.23 -27.41 -28.82
CA LEU B 103 -9.68 -27.06 -28.99
C LEU B 103 -10.42 -28.21 -29.70
N ASN B 104 -9.75 -28.93 -30.62
CA ASN B 104 -10.27 -30.18 -31.25
C ASN B 104 -10.61 -31.23 -30.17
N HIS B 105 -9.79 -31.32 -29.11
CA HIS B 105 -10.01 -32.25 -27.96
C HIS B 105 -10.89 -31.57 -26.89
N GLY B 106 -11.46 -30.40 -27.22
CA GLY B 106 -12.53 -29.73 -26.45
C GLY B 106 -11.99 -28.90 -25.27
N ALA B 107 -10.86 -28.22 -25.43
CA ALA B 107 -10.28 -27.28 -24.43
C ALA B 107 -11.26 -26.11 -24.22
N SER B 108 -11.42 -25.66 -22.98
CA SER B 108 -12.26 -24.48 -22.61
C SER B 108 -11.55 -23.21 -23.11
N VAL B 109 -12.18 -22.50 -24.05
CA VAL B 109 -11.57 -21.40 -24.84
C VAL B 109 -11.30 -20.17 -23.93
N ASN B 110 -12.05 -20.02 -22.82
CA ASN B 110 -11.97 -18.80 -21.93
C ASN B 110 -11.27 -19.12 -20.61
N ASN B 111 -10.91 -20.39 -20.34
CA ASN B 111 -10.24 -20.80 -19.08
C ASN B 111 -8.94 -20.02 -18.92
N THR B 112 -8.74 -19.41 -17.75
CA THR B 112 -7.75 -18.33 -17.49
C THR B 112 -6.62 -18.82 -16.59
N THR B 113 -5.58 -17.99 -16.47
CA THR B 113 -4.55 -18.03 -15.40
C THR B 113 -5.18 -17.55 -14.10
N LEU B 114 -4.43 -17.56 -13.02
CA LEU B 114 -4.85 -17.00 -11.71
C LEU B 114 -5.03 -15.46 -11.80
N THR B 115 -4.46 -14.78 -12.81
CA THR B 115 -4.69 -13.32 -13.05
C THR B 115 -5.91 -13.11 -13.97
N ASN B 116 -6.71 -14.14 -14.18
CA ASN B 116 -7.90 -14.10 -15.10
C ASN B 116 -7.47 -13.65 -16.51
N SER B 117 -6.24 -13.98 -16.92
CA SER B 117 -5.79 -13.79 -18.32
C SER B 117 -6.33 -14.93 -19.20
N THR B 118 -7.11 -14.58 -20.25
CA THR B 118 -7.68 -15.54 -21.23
C THR B 118 -6.62 -15.94 -22.25
N PRO B 119 -6.73 -17.15 -22.85
CA PRO B 119 -5.91 -17.51 -24.00
C PRO B 119 -5.91 -16.44 -25.11
N LEU B 120 -7.05 -15.79 -25.33
CA LEU B 120 -7.17 -14.64 -26.27
C LEU B 120 -6.20 -13.53 -25.85
N ARG B 121 -6.21 -13.17 -24.58
CA ARG B 121 -5.36 -12.07 -24.05
C ARG B 121 -3.88 -12.43 -24.26
N ALA B 122 -3.54 -13.69 -24.05
CA ALA B 122 -2.16 -14.22 -24.20
C ALA B 122 -1.69 -14.05 -25.65
N ALA B 123 -2.57 -14.32 -26.61
CA ALA B 123 -2.28 -14.21 -28.06
C ALA B 123 -2.09 -12.73 -28.44
N CYS B 124 -2.89 -11.84 -27.85
CA CYS B 124 -2.80 -10.37 -28.07
C CYS B 124 -1.43 -9.86 -27.65
N PHE B 125 -0.90 -10.32 -26.50
CA PHE B 125 0.31 -9.76 -25.86
C PHE B 125 1.49 -9.78 -26.84
N ASP B 126 1.80 -10.95 -27.42
CA ASP B 126 2.98 -11.12 -28.33
C ASP B 126 2.56 -10.89 -29.78
N GLY B 127 1.27 -10.77 -30.06
CA GLY B 127 0.77 -10.31 -31.37
C GLY B 127 0.71 -11.44 -32.39
N HIS B 128 0.09 -12.56 -32.01
CA HIS B 128 -0.18 -13.73 -32.87
C HIS B 128 -1.57 -13.57 -33.52
N LEU B 129 -1.64 -12.81 -34.62
CA LEU B 129 -2.90 -12.46 -35.33
C LEU B 129 -3.71 -13.75 -35.59
N GLU B 130 -3.08 -14.77 -36.19
CA GLU B 130 -3.74 -16.03 -36.62
C GLU B 130 -4.39 -16.73 -35.40
N ILE B 131 -3.74 -16.74 -34.24
CA ILE B 131 -4.29 -17.40 -33.01
C ILE B 131 -5.45 -16.56 -32.45
N VAL B 132 -5.33 -15.23 -32.50
CA VAL B 132 -6.43 -14.30 -32.10
C VAL B 132 -7.64 -14.59 -32.98
N LYS B 133 -7.46 -14.48 -34.31
CA LYS B 133 -8.52 -14.73 -35.33
C LYS B 133 -9.16 -16.09 -35.05
N TYR B 134 -8.36 -17.12 -34.71
CA TYR B 134 -8.83 -18.51 -34.52
C TYR B 134 -9.57 -18.63 -33.18
N LEU B 135 -9.04 -18.02 -32.13
CA LEU B 135 -9.64 -18.10 -30.76
C LEU B 135 -11.05 -17.49 -30.77
N VAL B 136 -11.20 -16.30 -31.36
CA VAL B 136 -12.50 -15.58 -31.44
C VAL B 136 -13.47 -16.38 -32.32
N GLU B 137 -12.98 -16.99 -33.41
CA GLU B 137 -13.78 -17.87 -34.32
C GLU B 137 -14.35 -19.08 -33.56
N HIS B 138 -13.79 -19.40 -32.37
CA HIS B 138 -14.23 -20.54 -31.53
C HIS B 138 -14.76 -20.01 -30.18
N LYS B 139 -15.36 -18.81 -30.22
CA LYS B 139 -16.32 -18.29 -29.21
C LYS B 139 -15.56 -17.71 -28.01
N ALA B 140 -14.28 -17.41 -28.17
CA ALA B 140 -13.46 -16.71 -27.14
C ALA B 140 -14.19 -15.40 -26.77
N ASP B 141 -14.29 -15.09 -25.48
CA ASP B 141 -15.01 -13.90 -24.97
C ASP B 141 -14.06 -12.70 -24.95
N LEU B 142 -14.39 -11.66 -25.73
CA LEU B 142 -13.60 -10.41 -25.90
C LEU B 142 -13.55 -9.61 -24.59
N GLU B 143 -14.58 -9.71 -23.75
CA GLU B 143 -14.83 -8.74 -22.64
C GLU B 143 -14.52 -9.39 -21.28
N VAL B 144 -13.78 -10.52 -21.26
CA VAL B 144 -13.12 -11.06 -20.04
C VAL B 144 -11.77 -10.34 -19.89
N SER B 145 -11.64 -9.55 -18.82
CA SER B 145 -10.39 -8.81 -18.47
C SER B 145 -9.58 -9.63 -17.45
N ASN B 146 -8.31 -9.29 -17.27
CA ASN B 146 -7.52 -9.75 -16.11
C ASN B 146 -8.15 -9.14 -14.84
N ARG B 147 -7.70 -9.57 -13.64
CA ARG B 147 -8.37 -9.23 -12.35
C ARG B 147 -8.17 -7.74 -12.03
N HIS B 148 -7.39 -7.01 -12.83
CA HIS B 148 -7.20 -5.53 -12.75
C HIS B 148 -8.06 -4.78 -13.80
N GLY B 149 -8.98 -5.46 -14.49
CA GLY B 149 -9.90 -4.84 -15.48
C GLY B 149 -9.28 -4.51 -16.85
N HIS B 150 -8.02 -4.89 -17.09
CA HIS B 150 -7.30 -4.65 -18.39
C HIS B 150 -7.78 -5.68 -19.41
N THR B 151 -8.11 -5.22 -20.63
CA THR B 151 -8.84 -5.98 -21.69
C THR B 151 -7.88 -6.43 -22.81
N CYS B 152 -8.33 -7.32 -23.67
CA CYS B 152 -7.57 -7.77 -24.86
C CYS B 152 -7.30 -6.57 -25.78
N LEU B 153 -8.33 -5.78 -26.08
CA LEU B 153 -8.20 -4.56 -26.91
C LEU B 153 -7.12 -3.65 -26.30
N MET B 154 -7.17 -3.43 -24.98
CA MET B 154 -6.23 -2.54 -24.22
C MET B 154 -4.78 -2.99 -24.43
N ILE B 155 -4.46 -4.25 -24.12
CA ILE B 155 -3.07 -4.77 -24.22
C ILE B 155 -2.59 -4.73 -25.68
N SER B 156 -3.49 -4.96 -26.64
CA SER B 156 -3.17 -4.94 -28.09
C SER B 156 -2.76 -3.52 -28.49
N CYS B 157 -3.48 -2.52 -27.99
CA CYS B 157 -3.16 -1.08 -28.17
C CYS B 157 -1.82 -0.74 -27.49
N TYR B 158 -1.56 -1.21 -26.28
CA TYR B 158 -0.30 -0.94 -25.57
C TYR B 158 0.87 -1.52 -26.37
N LYS B 159 0.74 -2.77 -26.85
CA LYS B 159 1.84 -3.51 -27.53
C LYS B 159 1.92 -3.10 -29.00
N GLY B 160 1.03 -2.19 -29.44
CA GLY B 160 1.11 -1.49 -30.75
C GLY B 160 0.80 -2.42 -31.91
N HIS B 161 -0.11 -3.36 -31.72
CA HIS B 161 -0.51 -4.39 -32.74
C HIS B 161 -1.70 -3.86 -33.55
N LYS B 162 -1.42 -3.05 -34.58
CA LYS B 162 -2.44 -2.30 -35.38
C LYS B 162 -3.48 -3.27 -35.95
N GLU B 163 -3.05 -4.45 -36.40
CA GLU B 163 -3.89 -5.45 -37.12
C GLU B 163 -4.81 -6.15 -36.13
N ILE B 164 -4.28 -6.61 -34.99
CA ILE B 164 -5.06 -7.33 -33.94
C ILE B 164 -6.11 -6.39 -33.35
N ALA B 165 -5.72 -5.14 -33.08
CA ALA B 165 -6.61 -4.07 -32.55
C ALA B 165 -7.75 -3.82 -33.54
N GLN B 166 -7.43 -3.66 -34.82
CA GLN B 166 -8.43 -3.47 -35.92
C GLN B 166 -9.45 -4.61 -35.87
N TYR B 167 -9.01 -5.85 -35.73
CA TYR B 167 -9.87 -7.06 -35.79
C TYR B 167 -10.84 -7.04 -34.59
N LEU B 168 -10.32 -6.86 -33.37
CA LEU B 168 -11.14 -6.87 -32.12
C LEU B 168 -12.22 -5.80 -32.17
N LEU B 169 -11.91 -4.63 -32.74
CA LEU B 169 -12.89 -3.51 -32.89
C LEU B 169 -14.06 -3.98 -33.77
N GLU B 170 -13.78 -4.51 -34.97
CA GLU B 170 -14.85 -4.85 -35.96
C GLU B 170 -15.57 -6.14 -35.53
N LYS B 171 -15.09 -6.84 -34.49
CA LYS B 171 -15.79 -8.01 -33.90
C LYS B 171 -16.56 -7.61 -32.63
N GLY B 172 -16.57 -6.31 -32.26
CA GLY B 172 -17.48 -5.73 -31.23
C GLY B 172 -16.80 -5.37 -29.89
N ALA B 173 -15.47 -5.20 -29.88
CA ALA B 173 -14.71 -4.92 -28.64
C ALA B 173 -15.12 -3.54 -28.09
N ASP B 174 -15.71 -3.50 -26.90
CA ASP B 174 -16.08 -2.22 -26.22
C ASP B 174 -14.81 -1.39 -26.03
N VAL B 175 -14.74 -0.23 -26.66
CA VAL B 175 -13.56 0.68 -26.70
C VAL B 175 -13.48 1.52 -25.42
N ASN B 176 -14.58 1.61 -24.64
CA ASN B 176 -14.72 2.57 -23.49
C ASN B 176 -14.65 1.82 -22.14
N ARG B 177 -14.33 0.51 -22.14
CA ARG B 177 -13.99 -0.27 -20.92
C ARG B 177 -12.91 0.47 -20.13
N LYS B 178 -13.05 0.53 -18.80
CA LYS B 178 -12.06 1.17 -17.87
C LYS B 178 -11.44 0.07 -17.00
N SER B 179 -10.13 0.07 -16.86
CA SER B 179 -9.40 -0.73 -15.83
C SER B 179 -9.79 -0.21 -14.46
N VAL B 180 -9.52 -0.98 -13.41
CA VAL B 180 -9.89 -0.64 -12.01
C VAL B 180 -9.32 0.76 -11.68
N LYS B 181 -8.02 0.95 -11.91
CA LYS B 181 -7.31 2.23 -11.70
C LYS B 181 -7.50 3.15 -12.92
N GLY B 182 -8.48 2.86 -13.77
CA GLY B 182 -9.09 3.83 -14.72
C GLY B 182 -8.43 3.86 -16.10
N ASN B 183 -7.56 2.90 -16.43
CA ASN B 183 -6.93 2.83 -17.77
C ASN B 183 -8.01 2.60 -18.83
N THR B 184 -7.90 3.26 -19.99
CA THR B 184 -8.67 2.97 -21.23
C THR B 184 -7.71 2.69 -22.39
N ALA B 185 -8.22 2.14 -23.50
CA ALA B 185 -7.47 1.79 -24.72
C ALA B 185 -6.69 3.01 -25.25
N LEU B 186 -7.29 4.18 -25.25
CA LEU B 186 -6.62 5.45 -25.65
C LEU B 186 -5.38 5.71 -24.76
N HIS B 187 -5.42 5.34 -23.48
CA HIS B 187 -4.29 5.50 -22.53
C HIS B 187 -3.17 4.57 -22.95
N ASP B 188 -3.52 3.31 -23.19
CA ASP B 188 -2.59 2.29 -23.77
C ASP B 188 -1.92 2.85 -25.02
N CYS B 189 -2.67 3.46 -25.93
CA CYS B 189 -2.14 4.06 -27.21
C CYS B 189 -1.15 5.18 -26.87
N ALA B 190 -1.56 6.11 -26.00
CA ALA B 190 -0.82 7.32 -25.60
C ALA B 190 0.54 6.95 -24.98
N GLU B 191 0.56 5.89 -24.18
CA GLU B 191 1.77 5.49 -23.41
C GLU B 191 2.72 4.68 -24.30
N SER B 192 2.23 4.12 -25.42
CA SER B 192 3.04 3.30 -26.36
C SER B 192 3.43 4.10 -27.60
N GLY B 193 2.84 5.28 -27.80
CA GLY B 193 3.05 6.10 -29.02
C GLY B 193 2.39 5.49 -30.25
N SER B 194 1.34 4.68 -30.04
CA SER B 194 0.54 4.03 -31.11
C SER B 194 -0.45 5.03 -31.73
N LEU B 195 0.07 6.01 -32.49
CA LEU B 195 -0.71 7.10 -33.11
C LEU B 195 -1.81 6.51 -34.01
N ASP B 196 -1.46 5.54 -34.86
CA ASP B 196 -2.38 5.03 -35.91
C ASP B 196 -3.51 4.25 -35.25
N ILE B 197 -3.24 3.54 -34.15
CA ILE B 197 -4.27 2.80 -33.36
C ILE B 197 -5.19 3.82 -32.66
N MET B 198 -4.63 4.87 -32.06
CA MET B 198 -5.45 5.95 -31.44
C MET B 198 -6.45 6.46 -32.47
N LYS B 199 -5.96 6.94 -33.63
CA LYS B 199 -6.79 7.47 -34.75
C LYS B 199 -7.97 6.53 -35.01
N MET B 200 -7.70 5.22 -34.99
CA MET B 200 -8.71 4.16 -35.25
C MET B 200 -9.70 4.09 -34.08
N LEU B 201 -9.23 4.15 -32.83
CA LEU B 201 -10.13 4.11 -31.62
C LEU B 201 -11.12 5.28 -31.68
N LEU B 202 -10.63 6.47 -32.04
CA LEU B 202 -11.46 7.70 -32.14
C LEU B 202 -12.51 7.51 -33.24
N MET B 203 -12.14 6.91 -34.37
CA MET B 203 -13.06 6.55 -35.48
C MET B 203 -14.19 5.66 -34.95
N TYR B 204 -13.92 4.78 -33.96
CA TYR B 204 -14.92 3.92 -33.26
C TYR B 204 -15.46 4.65 -32.02
N CYS B 205 -15.25 5.97 -31.92
CA CYS B 205 -15.95 6.91 -31.00
C CYS B 205 -15.43 6.80 -29.56
N ALA B 206 -14.18 6.38 -29.38
CA ALA B 206 -13.53 6.20 -28.07
C ALA B 206 -13.48 7.56 -27.35
N LYS B 207 -14.08 7.65 -26.16
CA LYS B 207 -14.20 8.94 -25.41
C LYS B 207 -12.93 9.12 -24.57
N MET B 208 -12.20 10.20 -24.82
CA MET B 208 -11.04 10.67 -24.03
C MET B 208 -11.52 11.08 -22.62
N GLU B 209 -11.15 10.30 -21.60
CA GLU B 209 -11.59 10.44 -20.18
C GLU B 209 -10.35 10.39 -19.28
N LYS B 210 -10.48 10.84 -18.03
CA LYS B 210 -9.39 10.83 -17.02
C LYS B 210 -9.34 9.46 -16.38
N ASP B 211 -8.13 8.93 -16.17
CA ASP B 211 -7.90 7.74 -15.31
C ASP B 211 -7.99 8.18 -13.83
N GLY B 212 -7.80 7.21 -12.91
CA GLY B 212 -7.93 7.40 -11.46
C GLY B 212 -6.82 8.28 -10.90
N TYR B 213 -5.86 8.70 -11.73
CA TYR B 213 -4.74 9.62 -11.38
C TYR B 213 -4.97 11.03 -11.94
N GLY B 214 -6.07 11.25 -12.64
CA GLY B 214 -6.41 12.54 -13.27
C GLY B 214 -5.94 12.62 -14.72
N MET B 215 -5.24 11.61 -15.20
CA MET B 215 -4.53 11.64 -16.50
C MET B 215 -5.52 11.43 -17.61
N THR B 216 -5.59 12.37 -18.54
CA THR B 216 -6.15 12.20 -19.89
C THR B 216 -5.11 11.47 -20.72
N PRO B 217 -5.52 10.79 -21.82
CA PRO B 217 -4.57 10.23 -22.78
C PRO B 217 -3.51 11.27 -23.20
N LEU B 218 -3.93 12.48 -23.54
CA LEU B 218 -3.03 13.62 -23.92
C LEU B 218 -1.93 13.80 -22.85
N LEU B 219 -2.31 13.73 -21.57
CA LEU B 219 -1.39 13.99 -20.44
C LEU B 219 -0.51 12.78 -20.20
N SER B 220 -1.00 11.57 -20.51
CA SER B 220 -0.23 10.30 -20.45
C SER B 220 0.84 10.30 -21.53
N ALA B 221 0.51 10.78 -22.73
CA ALA B 221 1.45 11.03 -23.85
C ALA B 221 2.58 11.97 -23.39
N SER B 222 2.21 13.05 -22.72
CA SER B 222 3.15 14.10 -22.21
C SER B 222 4.11 13.49 -21.20
N VAL B 223 3.58 12.70 -20.25
CA VAL B 223 4.36 12.13 -19.11
C VAL B 223 5.40 11.15 -19.67
N THR B 224 5.02 10.29 -20.61
CA THR B 224 5.92 9.25 -21.22
C THR B 224 6.71 9.87 -22.37
N GLY B 225 6.27 11.01 -22.89
CA GLY B 225 7.05 11.81 -23.85
C GLY B 225 6.92 11.30 -25.28
N HIS B 226 5.79 10.68 -25.62
CA HIS B 226 5.44 10.27 -27.02
C HIS B 226 4.91 11.48 -27.78
N THR B 227 5.83 12.25 -28.37
CA THR B 227 5.61 13.58 -29.00
C THR B 227 4.56 13.52 -30.10
N ASN B 228 4.55 12.45 -30.91
CA ASN B 228 3.61 12.27 -32.04
C ASN B 228 2.16 12.43 -31.52
N ILE B 229 1.85 11.81 -30.37
CA ILE B 229 0.48 11.77 -29.78
C ILE B 229 0.12 13.18 -29.28
N VAL B 230 1.09 13.89 -28.68
CA VAL B 230 0.88 15.25 -28.13
C VAL B 230 0.76 16.25 -29.28
N ASP B 231 1.55 16.05 -30.36
CA ASP B 231 1.48 16.90 -31.58
C ASP B 231 0.10 16.74 -32.21
N PHE B 232 -0.45 15.53 -32.17
CA PHE B 232 -1.81 15.21 -32.68
C PHE B 232 -2.87 15.82 -31.75
N LEU B 233 -2.97 15.34 -30.51
CA LEU B 233 -4.12 15.61 -29.61
C LEU B 233 -4.22 17.10 -29.25
N THR B 234 -3.14 17.89 -29.43
CA THR B 234 -3.14 19.38 -29.21
C THR B 234 -3.50 20.12 -30.51
N HIS B 235 -3.98 19.40 -31.53
CA HIS B 235 -4.59 19.98 -32.76
C HIS B 235 -5.92 19.27 -33.01
N HIS B 236 -6.59 18.83 -31.93
CA HIS B 236 -7.87 18.07 -31.94
C HIS B 236 -8.92 18.86 -31.16
N ALA B 237 -10.18 18.81 -31.60
CA ALA B 237 -11.27 19.74 -31.22
C ALA B 237 -11.63 19.57 -29.74
N GLN B 238 -11.57 18.34 -29.22
CA GLN B 238 -12.14 17.95 -27.91
C GLN B 238 -11.18 18.34 -26.76
N THR B 239 -10.00 18.93 -27.07
CA THR B 239 -9.00 19.40 -26.06
C THR B 239 -8.97 20.94 -26.04
N SER B 240 -8.98 21.53 -24.83
CA SER B 240 -9.11 22.99 -24.57
C SER B 240 -7.75 23.69 -24.57
N LYS B 241 -7.74 25.03 -24.74
CA LYS B 241 -6.56 25.93 -24.61
C LYS B 241 -5.75 25.55 -23.36
N THR B 242 -6.40 25.44 -22.21
CA THR B 242 -5.77 25.09 -20.91
C THR B 242 -5.15 23.68 -20.99
N GLU B 243 -5.92 22.70 -21.46
CA GLU B 243 -5.47 21.29 -21.55
C GLU B 243 -4.20 21.22 -22.41
N ARG B 244 -4.15 21.97 -23.53
CA ARG B 244 -3.03 21.98 -24.52
C ARG B 244 -1.80 22.63 -23.90
N ILE B 245 -1.97 23.79 -23.26
CA ILE B 245 -0.89 24.52 -22.55
C ILE B 245 -0.23 23.57 -21.53
N ASN B 246 -1.03 22.96 -20.67
CA ASN B 246 -0.54 22.06 -19.60
C ASN B 246 0.22 20.90 -20.25
N ALA B 247 -0.36 20.26 -21.28
CA ALA B 247 0.22 19.11 -22.02
C ALA B 247 1.63 19.45 -22.52
N LEU B 248 1.77 20.57 -23.23
CA LEU B 248 3.07 21.05 -23.80
C LEU B 248 4.06 21.34 -22.66
N GLU B 249 3.60 21.88 -21.53
CA GLU B 249 4.48 22.28 -20.41
C GLU B 249 4.98 21.01 -19.71
N LEU B 250 4.11 20.03 -19.51
CA LEU B 250 4.47 18.71 -18.93
C LEU B 250 5.41 17.96 -19.91
N LEU B 251 5.11 17.97 -21.21
CA LEU B 251 6.01 17.34 -22.22
C LEU B 251 7.40 17.99 -22.13
N GLY B 252 7.45 19.31 -21.94
CA GLY B 252 8.69 20.04 -21.65
C GLY B 252 9.42 19.50 -20.42
N ALA B 253 8.69 19.23 -19.33
CA ALA B 253 9.24 18.63 -18.08
C ALA B 253 9.82 17.24 -18.39
N THR B 254 9.13 16.50 -19.24
CA THR B 254 9.51 15.12 -19.63
C THR B 254 10.78 15.18 -20.49
N PHE B 255 10.90 16.22 -21.32
CA PHE B 255 12.10 16.50 -22.15
C PHE B 255 13.31 16.77 -21.26
N VAL B 256 13.14 17.54 -20.20
CA VAL B 256 14.27 17.91 -19.28
C VAL B 256 14.70 16.65 -18.50
N ASP B 257 13.74 15.89 -17.97
CA ASP B 257 13.98 14.84 -16.95
C ASP B 257 14.21 13.46 -17.63
N LYS B 258 13.42 13.11 -18.65
CA LYS B 258 13.47 11.77 -19.30
C LYS B 258 14.45 11.79 -20.47
N LYS B 259 14.47 12.85 -21.28
CA LYS B 259 15.23 12.89 -22.57
C LYS B 259 16.50 13.73 -22.41
N ARG B 260 16.79 14.19 -21.19
CA ARG B 260 17.91 15.13 -20.89
C ARG B 260 18.16 16.04 -22.11
N ASP B 261 17.12 16.74 -22.57
CA ASP B 261 17.12 17.58 -23.81
C ASP B 261 16.51 18.96 -23.50
N LEU B 262 17.35 19.97 -23.25
CA LEU B 262 16.92 21.29 -22.74
C LEU B 262 16.47 22.20 -23.90
N LEU B 263 17.21 22.22 -25.01
CA LEU B 263 16.82 23.00 -26.23
C LEU B 263 15.38 22.62 -26.61
N GLY B 264 15.09 21.32 -26.64
CA GLY B 264 13.74 20.75 -26.84
C GLY B 264 12.74 21.34 -25.87
N ALA B 265 12.88 21.02 -24.57
CA ALA B 265 12.00 21.49 -23.48
C ALA B 265 11.64 22.96 -23.68
N LEU B 266 12.62 23.79 -24.07
CA LEU B 266 12.43 25.25 -24.23
C LEU B 266 11.52 25.54 -25.43
N LYS B 267 11.59 24.73 -26.50
CA LYS B 267 10.72 24.91 -27.70
C LYS B 267 9.26 24.83 -27.24
N TYR B 268 8.93 23.83 -26.42
CA TYR B 268 7.55 23.54 -25.94
C TYR B 268 7.11 24.61 -24.93
N TRP B 269 8.00 25.00 -24.01
CA TRP B 269 7.70 26.00 -22.96
C TRP B 269 7.44 27.37 -23.58
N LYS B 270 8.17 27.74 -24.64
CA LYS B 270 7.92 28.96 -25.46
C LYS B 270 6.54 28.85 -26.14
N LYS B 271 6.22 27.69 -26.73
CA LYS B 271 4.94 27.43 -27.44
C LYS B 271 3.78 27.66 -26.46
N ALA B 272 3.75 26.90 -25.37
CA ALA B 272 2.69 26.98 -24.32
C ALA B 272 2.55 28.42 -23.82
N MET B 273 3.66 29.11 -23.58
CA MET B 273 3.68 30.46 -22.98
C MET B 273 3.02 31.46 -23.94
N ASN B 274 3.30 31.36 -25.23
CA ASN B 274 2.69 32.23 -26.27
C ASN B 274 1.17 32.02 -26.26
N MET B 275 0.72 30.76 -26.24
CA MET B 275 -0.72 30.38 -26.14
C MET B 275 -1.34 31.01 -24.89
N ARG B 276 -0.61 31.02 -23.76
CA ARG B 276 -1.07 31.63 -22.47
C ARG B 276 -1.37 33.13 -22.66
N TYR B 277 -0.55 33.86 -23.44
CA TYR B 277 -0.56 35.35 -23.57
C TYR B 277 -0.78 35.77 -25.04
N SER B 278 -1.66 35.07 -25.79
CA SER B 278 -1.98 35.38 -27.21
C SER B 278 -3.40 35.93 -27.35
N ASP B 279 -4.04 36.26 -26.22
CA ASP B 279 -5.44 36.74 -26.17
C ASP B 279 -5.59 37.68 -24.96
N ARG B 280 -5.53 38.98 -25.20
CA ARG B 280 -5.83 40.05 -24.20
C ARG B 280 -7.12 39.65 -23.45
N THR B 281 -8.12 39.14 -24.18
CA THR B 281 -9.51 38.91 -23.70
C THR B 281 -9.60 37.62 -22.85
N ASN B 282 -8.69 36.64 -23.07
CA ASN B 282 -8.74 35.30 -22.40
C ASN B 282 -7.31 34.83 -22.04
N ILE B 283 -6.63 35.57 -21.16
CA ILE B 283 -5.27 35.21 -20.65
C ILE B 283 -5.41 34.04 -19.67
N ILE B 284 -4.58 33.02 -19.83
CA ILE B 284 -4.54 31.81 -18.97
C ILE B 284 -3.23 31.81 -18.20
N SER B 285 -3.28 32.28 -16.95
CA SER B 285 -2.12 32.64 -16.10
C SER B 285 -1.74 31.45 -15.20
N LYS B 286 -0.45 31.30 -14.91
CA LYS B 286 0.05 30.17 -14.10
C LYS B 286 -0.44 30.33 -12.67
N PRO B 287 -1.10 29.30 -12.09
CA PRO B 287 -1.47 29.34 -10.69
C PRO B 287 -0.22 29.55 -9.83
N VAL B 288 -0.36 30.30 -8.74
CA VAL B 288 0.68 30.46 -7.70
C VAL B 288 0.48 29.36 -6.66
N PRO B 289 1.50 28.54 -6.37
CA PRO B 289 1.37 27.46 -5.38
C PRO B 289 1.15 27.98 -3.96
N GLN B 290 0.69 27.09 -3.08
CA GLN B 290 0.44 27.37 -1.66
C GLN B 290 1.72 27.92 -1.00
N THR B 291 2.82 27.16 -1.08
CA THR B 291 4.09 27.44 -0.37
C THR B 291 5.27 27.26 -1.33
N LEU B 292 6.37 27.93 -1.05
CA LEU B 292 7.68 27.64 -1.66
C LEU B 292 8.22 26.35 -1.02
N ILE B 293 8.99 25.58 -1.78
CA ILE B 293 9.52 24.24 -1.40
C ILE B 293 11.05 24.34 -1.36
N MET B 294 11.65 24.08 -0.20
CA MET B 294 13.13 24.11 -0.04
C MET B 294 13.80 23.13 -1.02
N ALA B 295 13.17 21.99 -1.29
CA ALA B 295 13.72 20.95 -2.19
C ALA B 295 13.75 21.45 -3.64
N TYR B 296 12.89 22.43 -3.99
CA TYR B 296 12.83 23.06 -5.34
C TYR B 296 13.64 24.36 -5.37
N ASP B 297 14.52 24.57 -4.38
CA ASP B 297 15.33 25.82 -4.25
C ASP B 297 14.41 27.04 -4.13
N TYR B 298 13.23 26.87 -3.53
CA TYR B 298 12.26 27.96 -3.28
C TYR B 298 11.91 28.69 -4.60
N ALA B 299 12.03 28.00 -5.73
CA ALA B 299 11.81 28.56 -7.08
C ALA B 299 10.31 28.71 -7.35
N LYS B 300 10.01 29.63 -8.28
CA LYS B 300 8.65 29.92 -8.81
C LYS B 300 8.66 29.63 -10.32
N GLU B 301 7.58 29.11 -10.84
CA GLU B 301 7.41 28.97 -12.31
C GLU B 301 7.51 30.34 -12.95
N VAL B 302 8.32 30.46 -14.00
CA VAL B 302 8.39 31.66 -14.88
C VAL B 302 6.98 31.89 -15.47
N ASN B 303 6.61 33.15 -15.73
CA ASN B 303 5.20 33.54 -16.01
C ASN B 303 5.11 34.43 -17.26
N SER B 304 6.22 34.72 -17.94
CA SER B 304 6.26 35.53 -19.18
C SER B 304 7.33 35.00 -20.14
N ALA B 305 7.26 35.43 -21.41
CA ALA B 305 8.26 35.12 -22.46
C ALA B 305 9.62 35.68 -22.01
N GLU B 306 9.63 36.87 -21.43
CA GLU B 306 10.84 37.55 -20.88
C GLU B 306 11.55 36.58 -19.91
N GLU B 307 10.91 36.26 -18.79
CA GLU B 307 11.45 35.39 -17.71
C GLU B 307 11.93 34.05 -18.29
N LEU B 308 11.25 33.56 -19.34
CA LEU B 308 11.56 32.27 -20.01
C LEU B 308 12.85 32.40 -20.84
N GLU B 309 13.22 33.63 -21.25
CA GLU B 309 14.20 33.91 -22.33
C GLU B 309 15.59 33.37 -21.97
N GLY B 310 16.17 33.81 -20.83
CA GLY B 310 17.58 33.52 -20.47
C GLY B 310 17.77 32.09 -19.97
N LEU B 311 16.67 31.41 -19.62
CA LEU B 311 16.63 30.10 -18.92
C LEU B 311 17.61 29.11 -19.58
N ILE B 312 17.69 29.10 -20.92
CA ILE B 312 18.51 28.14 -21.73
C ILE B 312 19.92 28.04 -21.11
N ALA B 313 20.46 29.15 -20.62
CA ALA B 313 21.85 29.29 -20.11
C ALA B 313 22.02 28.63 -18.72
N ASP B 314 20.95 28.19 -18.03
CA ASP B 314 21.02 27.67 -16.63
C ASP B 314 20.28 26.33 -16.51
N PRO B 315 21.01 25.19 -16.64
CA PRO B 315 20.42 23.87 -16.41
C PRO B 315 19.67 23.70 -15.07
N ASP B 316 20.28 24.08 -13.94
CA ASP B 316 19.67 23.91 -12.59
C ASP B 316 18.32 24.61 -12.53
N GLU B 317 18.18 25.76 -13.20
CA GLU B 317 16.92 26.53 -13.24
C GLU B 317 15.87 25.72 -14.01
N MET B 318 16.26 25.12 -15.12
CA MET B 318 15.36 24.32 -15.97
C MET B 318 14.91 23.07 -15.21
N ARG B 319 15.81 22.47 -14.44
CA ARG B 319 15.51 21.28 -13.61
C ARG B 319 14.50 21.67 -12.54
N MET B 320 14.65 22.83 -11.91
CA MET B 320 13.72 23.29 -10.85
C MET B 320 12.36 23.59 -11.49
N GLN B 321 12.34 24.19 -12.67
CA GLN B 321 11.08 24.49 -13.41
C GLN B 321 10.34 23.17 -13.69
N ALA B 322 11.05 22.16 -14.19
CA ALA B 322 10.49 20.84 -14.55
C ALA B 322 9.80 20.20 -13.34
N LEU B 323 10.43 20.26 -12.16
CA LEU B 323 9.83 19.72 -10.92
C LEU B 323 8.59 20.53 -10.56
N LEU B 324 8.61 21.85 -10.73
CA LEU B 324 7.47 22.72 -10.38
C LEU B 324 6.31 22.41 -11.32
N ILE B 325 6.59 22.33 -12.60
CA ILE B 325 5.59 22.01 -13.64
C ILE B 325 4.91 20.68 -13.30
N ARG B 326 5.69 19.63 -13.03
CA ARG B 326 5.15 18.25 -12.84
C ARG B 326 4.24 18.22 -11.59
N GLU B 327 4.68 18.77 -10.47
CA GLU B 327 3.86 18.79 -9.23
C GLU B 327 2.58 19.61 -9.50
N ARG B 328 2.66 20.69 -10.26
CA ARG B 328 1.47 21.52 -10.54
C ARG B 328 0.45 20.69 -11.34
N ILE B 329 0.87 19.97 -12.38
CA ILE B 329 -0.06 19.36 -13.36
C ILE B 329 -0.45 17.96 -12.91
N LEU B 330 0.49 17.15 -12.43
CA LEU B 330 0.20 15.75 -12.00
C LEU B 330 -0.22 15.73 -10.53
N GLY B 331 0.30 16.65 -9.71
CA GLY B 331 0.04 16.68 -8.26
C GLY B 331 0.86 15.62 -7.55
N PRO B 332 0.90 15.62 -6.19
CA PRO B 332 1.79 14.73 -5.45
C PRO B 332 1.30 13.28 -5.31
N SER B 333 0.09 12.98 -5.79
CA SER B 333 -0.53 11.64 -5.71
C SER B 333 -0.09 10.77 -6.90
N HIS B 334 0.45 11.39 -7.95
CA HIS B 334 0.87 10.68 -9.19
C HIS B 334 2.26 10.10 -8.99
N PRO B 335 2.46 8.78 -9.18
CA PRO B 335 3.74 8.15 -8.85
C PRO B 335 4.93 8.84 -9.54
N ASP B 336 4.70 9.41 -10.73
CA ASP B 336 5.75 10.02 -11.57
C ASP B 336 6.29 11.31 -10.94
N THR B 337 5.54 11.95 -10.05
CA THR B 337 6.01 13.17 -9.34
C THR B 337 7.20 12.80 -8.44
N SER B 338 6.98 11.86 -7.53
CA SER B 338 8.01 11.39 -6.58
C SER B 338 9.13 10.72 -7.35
N TYR B 339 8.79 9.96 -8.39
CA TYR B 339 9.77 9.25 -9.23
C TYR B 339 10.85 10.26 -9.70
N TYR B 340 10.42 11.31 -10.37
CA TYR B 340 11.34 12.23 -11.08
C TYR B 340 12.05 13.15 -10.05
N ILE B 341 11.50 13.29 -8.85
CA ILE B 341 12.19 14.02 -7.75
C ILE B 341 13.36 13.17 -7.26
N ARG B 342 13.13 11.86 -7.03
CA ARG B 342 14.19 10.89 -6.65
C ARG B 342 15.25 10.82 -7.76
N TYR B 343 14.87 10.76 -9.02
CA TYR B 343 15.85 10.74 -10.14
C TYR B 343 16.71 12.02 -10.08
N ARG B 344 16.09 13.20 -10.07
CA ARG B 344 16.83 14.50 -9.99
C ARG B 344 17.83 14.45 -8.83
N GLY B 345 17.40 14.01 -7.66
CA GLY B 345 18.30 13.87 -6.49
C GLY B 345 19.49 12.97 -6.82
N ALA B 346 19.24 11.86 -7.49
CA ALA B 346 20.28 10.90 -7.93
C ALA B 346 21.29 11.63 -8.83
N VAL B 347 20.83 12.41 -9.81
CA VAL B 347 21.76 13.10 -10.75
C VAL B 347 22.65 14.05 -9.93
N TYR B 348 22.09 14.77 -8.97
CA TYR B 348 22.88 15.70 -8.11
C TYR B 348 23.91 14.90 -7.31
N ALA B 349 23.52 13.75 -6.78
CA ALA B 349 24.41 12.84 -6.02
C ALA B 349 25.59 12.40 -6.89
N ASP B 350 25.35 12.15 -8.18
CA ASP B 350 26.39 11.70 -9.13
C ASP B 350 27.40 12.83 -9.38
N SER B 351 27.00 14.08 -9.25
CA SER B 351 27.90 15.27 -9.43
C SER B 351 28.51 15.67 -8.10
N GLY B 352 28.31 14.87 -7.05
CA GLY B 352 28.92 15.06 -5.73
C GLY B 352 28.18 16.05 -4.84
N ASN B 353 26.89 16.34 -5.11
CA ASN B 353 26.05 17.19 -4.22
C ASN B 353 25.07 16.31 -3.44
N PHE B 354 25.56 15.71 -2.35
CA PHE B 354 24.80 14.71 -1.55
C PHE B 354 23.70 15.45 -0.80
N LYS B 355 23.98 16.65 -0.33
CA LYS B 355 23.01 17.45 0.44
C LYS B 355 21.80 17.74 -0.43
N ARG B 356 22.01 18.26 -1.61
CA ARG B 356 20.89 18.60 -2.49
C ARG B 356 20.09 17.34 -2.76
N CYS B 357 20.77 16.21 -2.96
CA CYS B 357 20.14 14.88 -3.18
C CYS B 357 19.30 14.47 -1.96
N ILE B 358 19.83 14.59 -0.75
CA ILE B 358 19.12 14.19 0.50
C ILE B 358 17.84 15.03 0.62
N ASN B 359 17.93 16.33 0.40
CA ASN B 359 16.79 17.26 0.55
C ASN B 359 15.67 16.87 -0.43
N LEU B 360 15.98 16.55 -1.68
CA LEU B 360 14.98 16.14 -2.69
C LEU B 360 14.34 14.79 -2.30
N TRP B 361 15.13 13.85 -1.79
CA TRP B 361 14.66 12.50 -1.39
C TRP B 361 13.77 12.64 -0.15
N LYS B 362 14.20 13.43 0.82
CA LYS B 362 13.43 13.72 2.04
C LYS B 362 12.02 14.18 1.63
N TYR B 363 11.93 15.08 0.65
CA TYR B 363 10.65 15.64 0.18
C TYR B 363 9.88 14.53 -0.53
N ALA B 364 10.54 13.76 -1.41
CA ALA B 364 9.93 12.67 -2.20
C ALA B 364 9.43 11.53 -1.29
N LEU B 365 10.15 11.17 -0.23
CA LEU B 365 9.74 10.05 0.67
C LEU B 365 8.54 10.49 1.56
N ASP B 366 8.49 11.76 1.94
CA ASP B 366 7.30 12.37 2.61
C ASP B 366 6.09 12.24 1.68
N MET B 367 6.29 12.49 0.39
CA MET B 367 5.22 12.52 -0.61
C MET B 367 4.65 11.10 -0.78
N GLN B 368 5.50 10.09 -0.97
CA GLN B 368 5.00 8.73 -1.32
C GLN B 368 4.52 8.01 -0.05
N GLN B 369 4.93 8.43 1.15
CA GLN B 369 4.36 7.93 2.43
C GLN B 369 2.90 8.37 2.52
N SER B 370 2.62 9.62 2.15
CA SER B 370 1.25 10.23 2.09
C SER B 370 0.30 9.37 1.23
N ASN B 371 0.82 8.68 0.20
CA ASN B 371 0.04 7.84 -0.75
C ASN B 371 -0.07 6.40 -0.23
N ASP C 2 -10.28 8.19 40.62
CA ASP C 2 -9.67 8.27 42.00
C ASP C 2 -9.93 6.94 42.74
N LEU C 3 -11.17 6.71 43.19
CA LEU C 3 -11.61 5.45 43.87
C LEU C 3 -11.67 4.32 42.83
N LYS C 4 -12.04 4.63 41.58
CA LYS C 4 -12.09 3.69 40.43
C LYS C 4 -10.69 3.13 40.15
N THR C 5 -9.65 3.95 40.35
CA THR C 5 -8.23 3.63 40.03
C THR C 5 -7.61 2.84 41.19
N ALA C 6 -7.96 3.17 42.44
CA ALA C 6 -7.50 2.45 43.65
C ALA C 6 -7.83 0.95 43.51
N VAL C 7 -9.08 0.65 43.11
CA VAL C 7 -9.61 -0.74 42.93
C VAL C 7 -8.86 -1.43 41.78
N PHE C 8 -8.58 -0.70 40.69
CA PHE C 8 -7.93 -1.22 39.45
C PHE C 8 -6.46 -1.61 39.70
N ASN C 9 -5.73 -0.75 40.43
CA ASN C 9 -4.28 -0.92 40.73
C ASN C 9 -4.09 -2.11 41.67
N ALA C 10 -4.93 -2.22 42.71
CA ALA C 10 -4.96 -3.35 43.66
C ALA C 10 -5.15 -4.66 42.88
N ALA C 11 -6.20 -4.72 42.05
CA ALA C 11 -6.54 -5.86 41.19
C ALA C 11 -5.31 -6.28 40.37
N ARG C 12 -4.74 -5.34 39.61
CA ARG C 12 -3.62 -5.59 38.66
C ARG C 12 -2.44 -6.26 39.39
N ASP C 13 -2.20 -5.91 40.66
CA ASP C 13 -0.99 -6.32 41.43
C ASP C 13 -1.37 -7.31 42.54
N GLY C 14 -2.57 -7.91 42.46
CA GLY C 14 -2.98 -9.06 43.29
C GLY C 14 -2.90 -8.78 44.78
N LYS C 15 -3.02 -7.50 45.18
CA LYS C 15 -3.07 -7.07 46.61
C LYS C 15 -4.52 -7.18 47.10
N LEU C 16 -4.87 -8.32 47.73
CA LEU C 16 -6.27 -8.73 48.05
C LEU C 16 -6.63 -8.33 49.49
N ARG C 17 -5.64 -8.26 50.39
CA ARG C 17 -5.82 -7.76 51.78
C ARG C 17 -6.32 -6.31 51.73
N LEU C 18 -5.87 -5.53 50.73
CA LEU C 18 -6.17 -4.08 50.55
C LEU C 18 -7.48 -3.91 49.76
N LEU C 19 -7.79 -4.83 48.84
CA LEU C 19 -9.00 -4.78 47.96
C LEU C 19 -10.25 -5.04 48.82
N THR C 20 -10.25 -6.11 49.63
CA THR C 20 -11.39 -6.50 50.51
C THR C 20 -11.67 -5.34 51.47
N LYS C 21 -10.61 -4.64 51.92
CA LYS C 21 -10.67 -3.45 52.83
C LYS C 21 -11.25 -2.25 52.04
N LEU C 22 -10.82 -2.09 50.78
CA LEU C 22 -11.34 -1.08 49.82
C LEU C 22 -12.61 -1.61 49.14
N ALA C 24 -15.29 -3.13 51.28
CA ALA C 24 -15.82 -3.45 52.64
C ALA C 24 -17.15 -2.73 52.85
N SER C 25 -17.11 -1.42 53.11
CA SER C 25 -18.31 -0.52 53.19
C SER C 25 -18.66 -0.04 51.78
N LYS C 26 -19.13 -0.97 50.93
CA LYS C 26 -19.50 -0.74 49.50
C LYS C 26 -20.50 -1.83 49.08
N SER C 27 -21.72 -1.45 48.70
CA SER C 27 -22.84 -2.37 48.35
C SER C 27 -22.47 -3.20 47.11
N LYS C 28 -22.99 -4.43 47.00
CA LYS C 28 -22.76 -5.36 45.87
C LYS C 28 -23.04 -4.65 44.54
N GLU C 29 -24.05 -3.77 44.53
CA GLU C 29 -24.34 -2.83 43.40
C GLU C 29 -23.07 -2.01 43.08
N GLU C 30 -22.60 -1.22 44.05
CA GLU C 30 -21.42 -0.30 43.92
C GLU C 30 -20.18 -1.10 43.52
N VAL C 31 -20.07 -2.34 44.02
CA VAL C 31 -18.96 -3.28 43.65
C VAL C 31 -19.01 -3.53 42.14
N SER C 32 -20.21 -3.84 41.62
CA SER C 32 -20.48 -4.16 40.19
C SER C 32 -20.05 -2.99 39.29
N SER C 33 -20.49 -1.77 39.60
CA SER C 33 -20.10 -0.51 38.92
C SER C 33 -18.58 -0.33 39.01
N LEU C 34 -18.01 -0.49 40.22
CA LEU C 34 -16.55 -0.33 40.52
C LEU C 34 -15.72 -1.20 39.54
N ILE C 35 -15.85 -2.53 39.63
CA ILE C 35 -15.03 -3.52 38.85
C ILE C 35 -15.52 -3.58 37.38
N SER C 36 -16.61 -2.85 37.06
CA SER C 36 -17.16 -2.66 35.68
C SER C 36 -16.29 -1.68 34.88
N GLU C 37 -15.85 -0.58 35.51
CA GLU C 37 -15.18 0.59 34.86
C GLU C 37 -13.86 0.12 34.21
N LYS C 38 -13.52 0.67 33.04
CA LYS C 38 -12.26 0.37 32.32
C LYS C 38 -11.20 1.42 32.71
N THR C 39 -9.96 0.97 32.96
CA THR C 39 -8.79 1.83 33.30
C THR C 39 -7.57 1.36 32.50
N ASN C 40 -7.05 2.23 31.62
CA ASN C 40 -5.97 1.91 30.63
C ASN C 40 -6.51 0.89 29.61
N GLY C 41 -7.80 0.97 29.29
CA GLY C 41 -8.49 0.12 28.29
C GLY C 41 -8.83 -1.26 28.84
N ALA C 42 -8.64 -1.47 30.16
CA ALA C 42 -8.69 -2.80 30.81
C ALA C 42 -9.60 -2.75 32.05
N THR C 43 -10.23 -3.88 32.35
CA THR C 43 -10.98 -4.13 33.59
C THR C 43 -10.01 -4.65 34.65
N PRO C 44 -10.34 -4.52 35.96
CA PRO C 44 -9.64 -5.25 37.00
C PRO C 44 -9.43 -6.74 36.67
N LEU C 45 -10.48 -7.43 36.20
CA LEU C 45 -10.49 -8.89 35.97
C LEU C 45 -9.48 -9.24 34.87
N LEU C 46 -9.41 -8.43 33.82
CA LEU C 46 -8.49 -8.62 32.66
C LEU C 46 -7.03 -8.48 33.12
N MET C 47 -6.73 -7.47 33.96
CA MET C 47 -5.36 -7.21 34.51
C MET C 47 -4.99 -8.33 35.49
N ALA C 48 -5.95 -8.76 36.33
CA ALA C 48 -5.80 -9.87 37.30
C ALA C 48 -5.48 -11.18 36.55
N ALA C 49 -6.18 -11.43 35.44
CA ALA C 49 -6.06 -12.65 34.62
C ALA C 49 -4.67 -12.70 33.95
N ARG C 50 -4.24 -11.55 33.38
CA ARG C 50 -3.00 -11.38 32.56
C ARG C 50 -1.74 -11.58 33.42
N TYR C 51 -1.79 -11.25 34.72
CA TYR C 51 -0.61 -11.28 35.64
C TYR C 51 -0.71 -12.46 36.61
N GLY C 52 -1.75 -13.30 36.46
CA GLY C 52 -1.81 -14.66 37.03
C GLY C 52 -2.19 -14.65 38.49
N HIS C 53 -2.95 -13.65 38.94
CA HIS C 53 -3.42 -13.51 40.34
C HIS C 53 -4.66 -14.37 40.53
N LEU C 54 -4.47 -15.65 40.90
CA LEU C 54 -5.54 -16.67 41.07
C LEU C 54 -6.55 -16.18 42.12
N ASP C 55 -6.10 -15.93 43.37
CA ASP C 55 -6.95 -15.50 44.51
C ASP C 55 -7.79 -14.28 44.09
N MET C 56 -7.16 -13.28 43.47
CA MET C 56 -7.78 -12.01 43.01
C MET C 56 -8.89 -12.27 41.97
N VAL C 57 -8.59 -13.11 40.96
CA VAL C 57 -9.58 -13.54 39.92
C VAL C 57 -10.79 -14.21 40.58
N GLU C 58 -10.54 -15.13 41.55
CA GLU C 58 -11.59 -15.92 42.27
C GLU C 58 -12.47 -14.97 43.10
N PHE C 59 -11.85 -14.02 43.80
CA PHE C 59 -12.52 -12.93 44.57
C PHE C 59 -13.36 -12.09 43.61
N LEU C 60 -12.73 -11.52 42.57
CA LEU C 60 -13.38 -10.63 41.57
C LEU C 60 -14.63 -11.31 41.01
N LEU C 61 -14.50 -12.57 40.56
CA LEU C 61 -15.57 -13.35 39.88
C LEU C 61 -16.74 -13.62 40.86
N GLU C 62 -16.44 -14.04 42.10
CA GLU C 62 -17.45 -14.41 43.14
C GLU C 62 -18.31 -13.18 43.50
N GLN C 63 -17.83 -11.96 43.18
CA GLN C 63 -18.59 -10.68 43.35
C GLN C 63 -19.56 -10.53 42.17
N CYS C 64 -19.01 -10.45 40.95
CA CYS C 64 -19.77 -10.23 39.68
C CYS C 64 -19.04 -10.94 38.52
N SER C 65 -19.78 -11.73 37.74
CA SER C 65 -19.30 -12.48 36.55
C SER C 65 -19.41 -11.61 35.29
N ALA C 66 -19.98 -10.40 35.43
CA ALA C 66 -20.33 -9.48 34.32
C ALA C 66 -19.10 -9.16 33.48
N SER C 67 -17.90 -9.14 34.08
CA SER C 67 -16.63 -8.68 33.46
C SER C 67 -15.96 -9.81 32.64
N ILE C 68 -16.45 -11.05 32.70
CA ILE C 68 -15.69 -12.28 32.30
C ILE C 68 -15.42 -12.30 30.77
N GLU C 69 -16.28 -11.70 29.93
CA GLU C 69 -16.14 -11.74 28.45
C GLU C 69 -15.74 -10.35 27.90
N VAL C 70 -15.66 -9.32 28.76
CA VAL C 70 -15.30 -7.93 28.37
C VAL C 70 -13.87 -7.92 27.82
N GLY C 71 -13.72 -7.65 26.51
CA GLY C 71 -12.42 -7.40 25.85
C GLY C 71 -11.79 -6.10 26.34
N GLY C 72 -10.46 -5.99 26.27
CA GLY C 72 -9.73 -4.78 26.67
C GLY C 72 -8.29 -4.76 26.18
N SER C 73 -7.50 -3.85 26.75
CA SER C 73 -6.11 -3.54 26.34
C SER C 73 -5.11 -4.24 27.29
N VAL C 74 -4.25 -5.12 26.73
CA VAL C 74 -3.16 -5.86 27.45
C VAL C 74 -1.86 -5.72 26.67
N ASN C 75 -0.72 -5.78 27.36
CA ASN C 75 0.65 -5.63 26.76
C ASN C 75 1.39 -6.97 26.83
N PHE C 76 2.01 -7.37 25.73
CA PHE C 76 2.92 -8.53 25.62
C PHE C 76 4.09 -8.15 24.71
N ASP C 77 5.33 -8.34 25.18
CA ASP C 77 6.57 -8.06 24.40
C ASP C 77 6.51 -6.62 23.87
N GLY C 78 5.92 -5.70 24.66
CA GLY C 78 5.83 -4.26 24.34
C GLY C 78 4.73 -3.92 23.30
N GLU C 79 3.97 -4.92 22.82
CA GLU C 79 2.79 -4.70 21.93
C GLU C 79 1.52 -4.55 22.80
N THR C 80 0.66 -3.57 22.47
CA THR C 80 -0.70 -3.40 23.06
C THR C 80 -1.73 -4.13 22.17
N ILE C 81 -2.44 -5.09 22.75
CA ILE C 81 -3.47 -5.92 22.05
C ILE C 81 -4.85 -5.51 22.57
N GLU C 82 -5.76 -5.13 21.67
CA GLU C 82 -7.13 -4.65 22.01
C GLU C 82 -8.11 -5.83 21.94
N GLY C 83 -9.23 -5.71 22.64
CA GLY C 83 -10.34 -6.69 22.60
C GLY C 83 -9.94 -8.06 23.13
N ALA C 84 -8.87 -8.13 23.92
CA ALA C 84 -8.40 -9.36 24.60
C ALA C 84 -9.27 -9.59 25.82
N PRO C 85 -10.06 -10.70 25.87
CA PRO C 85 -10.84 -11.03 27.05
C PRO C 85 -9.94 -11.69 28.12
N PRO C 86 -10.37 -11.73 29.40
CA PRO C 86 -9.59 -12.37 30.47
C PRO C 86 -9.00 -13.74 30.11
N LEU C 87 -9.81 -14.64 29.55
CA LEU C 87 -9.40 -16.04 29.29
C LEU C 87 -8.19 -16.04 28.36
N TRP C 88 -8.26 -15.22 27.31
CA TRP C 88 -7.21 -15.08 26.26
C TRP C 88 -5.90 -14.62 26.90
N ALA C 89 -5.96 -13.55 27.69
CA ALA C 89 -4.80 -12.91 28.36
C ALA C 89 -4.09 -13.94 29.25
N ALA C 90 -4.85 -14.68 30.05
CA ALA C 90 -4.35 -15.72 31.00
C ALA C 90 -3.62 -16.82 30.23
N SER C 91 -4.18 -17.24 29.10
CA SER C 91 -3.67 -18.34 28.22
C SER C 91 -2.33 -17.94 27.60
N ALA C 92 -2.24 -16.71 27.10
CA ALA C 92 -1.05 -16.14 26.43
C ALA C 92 0.14 -16.09 27.40
N ALA C 93 -0.08 -15.70 28.65
CA ALA C 93 0.95 -15.50 29.69
C ALA C 93 1.33 -16.86 30.32
N GLY C 94 0.49 -17.89 30.15
CA GLY C 94 0.76 -19.28 30.55
C GLY C 94 0.38 -19.57 32.00
N HIS C 95 -0.59 -18.80 32.54
CA HIS C 95 -1.13 -18.96 33.92
C HIS C 95 -2.19 -20.09 33.92
N LEU C 96 -1.75 -21.35 34.08
CA LEU C 96 -2.61 -22.57 33.97
C LEU C 96 -3.75 -22.49 35.00
N LYS C 97 -3.41 -22.33 36.29
CA LYS C 97 -4.37 -22.31 37.44
C LYS C 97 -5.50 -21.31 37.14
N VAL C 98 -5.18 -20.17 36.50
CA VAL C 98 -6.15 -19.09 36.15
C VAL C 98 -6.98 -19.54 34.94
N VAL C 99 -6.38 -20.28 34.00
CA VAL C 99 -7.09 -20.90 32.84
C VAL C 99 -8.09 -21.91 33.39
N GLN C 100 -7.62 -22.86 34.21
CA GLN C 100 -8.45 -23.88 34.92
C GLN C 100 -9.66 -23.19 35.57
N SER C 101 -9.44 -22.07 36.26
CA SER C 101 -10.44 -21.34 37.09
C SER C 101 -11.38 -20.53 36.19
N LEU C 102 -10.84 -19.87 35.15
CA LEU C 102 -11.61 -19.01 34.22
C LEU C 102 -12.73 -19.83 33.56
N LEU C 103 -12.49 -21.10 33.25
CA LEU C 103 -13.45 -22.01 32.56
C LEU C 103 -14.35 -22.71 33.59
N ASN C 104 -13.80 -23.04 34.77
CA ASN C 104 -14.56 -23.58 35.93
C ASN C 104 -15.80 -22.71 36.18
N HIS C 105 -15.62 -21.37 36.11
CA HIS C 105 -16.68 -20.35 36.34
C HIS C 105 -17.42 -20.05 35.02
N GLY C 106 -17.16 -20.85 33.97
CA GLY C 106 -17.99 -20.93 32.74
C GLY C 106 -17.67 -19.82 31.76
N ALA C 107 -16.39 -19.63 31.42
CA ALA C 107 -15.93 -18.72 30.34
C ALA C 107 -16.12 -19.41 28.99
N SER C 108 -16.27 -18.62 27.92
CA SER C 108 -16.33 -19.11 26.51
C SER C 108 -14.89 -19.38 26.02
N VAL C 109 -14.61 -20.64 25.72
CA VAL C 109 -13.25 -21.15 25.35
C VAL C 109 -12.78 -20.52 24.03
N ASN C 110 -13.71 -20.07 23.18
CA ASN C 110 -13.43 -19.62 21.78
C ASN C 110 -13.61 -18.09 21.65
N ASN C 111 -13.85 -17.36 22.76
CA ASN C 111 -14.03 -15.88 22.74
C ASN C 111 -12.68 -15.21 22.43
N THR C 112 -12.60 -14.52 21.29
CA THR C 112 -11.33 -14.12 20.62
C THR C 112 -11.02 -12.63 20.86
N THR C 113 -9.86 -12.19 20.39
CA THR C 113 -9.45 -10.76 20.26
C THR C 113 -10.03 -10.19 18.96
N LEU C 114 -9.68 -8.95 18.63
CA LEU C 114 -10.11 -8.26 17.38
C LEU C 114 -9.44 -8.89 16.14
N THR C 115 -8.34 -9.66 16.31
CA THR C 115 -7.66 -10.41 15.20
C THR C 115 -8.22 -11.83 15.09
N ASN C 116 -9.27 -12.17 15.84
CA ASN C 116 -9.90 -13.52 15.82
C ASN C 116 -8.88 -14.56 16.32
N SER C 117 -8.08 -14.18 17.31
CA SER C 117 -7.11 -15.07 18.01
C SER C 117 -7.83 -15.75 19.18
N THR C 118 -7.86 -17.09 19.18
CA THR C 118 -8.44 -17.93 20.25
C THR C 118 -7.52 -17.93 21.46
N PRO C 119 -8.05 -18.24 22.66
CA PRO C 119 -7.20 -18.64 23.78
C PRO C 119 -6.22 -19.74 23.37
N LEU C 120 -6.67 -20.72 22.58
CA LEU C 120 -5.81 -21.84 22.10
C LEU C 120 -4.61 -21.27 21.32
N ARG C 121 -4.86 -20.42 20.31
CA ARG C 121 -3.80 -19.76 19.51
C ARG C 121 -2.85 -19.03 20.45
N ALA C 122 -3.40 -18.26 21.39
CA ALA C 122 -2.65 -17.50 22.41
C ALA C 122 -1.69 -18.44 23.14
N ALA C 123 -2.18 -19.62 23.55
CA ALA C 123 -1.42 -20.65 24.31
C ALA C 123 -0.29 -21.23 23.44
N CYS C 124 -0.57 -21.44 22.15
CA CYS C 124 0.39 -22.07 21.18
C CYS C 124 1.63 -21.17 20.97
N PHE C 125 1.46 -19.84 21.03
CA PHE C 125 2.46 -18.82 20.62
C PHE C 125 3.72 -18.91 21.49
N ASP C 126 3.56 -18.98 22.83
CA ASP C 126 4.67 -18.98 23.82
C ASP C 126 4.89 -20.40 24.41
N GLY C 127 4.34 -21.45 23.77
CA GLY C 127 4.77 -22.85 23.95
C GLY C 127 4.18 -23.51 25.20
N HIS C 128 3.09 -22.96 25.76
CA HIS C 128 2.45 -23.42 27.02
C HIS C 128 1.63 -24.69 26.75
N LEU C 129 2.25 -25.87 26.86
CA LEU C 129 1.66 -27.17 26.44
C LEU C 129 0.44 -27.52 27.29
N GLU C 130 0.56 -27.40 28.63
CA GLU C 130 -0.47 -27.86 29.61
C GLU C 130 -1.80 -27.13 29.32
N ILE C 131 -1.74 -25.84 28.95
CA ILE C 131 -2.92 -24.98 28.63
C ILE C 131 -3.49 -25.39 27.26
N VAL C 132 -2.63 -25.77 26.31
CA VAL C 132 -3.04 -26.30 24.97
C VAL C 132 -3.90 -27.56 25.16
N LYS C 133 -3.38 -28.57 25.88
CA LYS C 133 -4.08 -29.86 26.19
C LYS C 133 -5.45 -29.58 26.82
N TYR C 134 -5.46 -28.77 27.89
CA TYR C 134 -6.66 -28.44 28.72
C TYR C 134 -7.74 -27.79 27.83
N LEU C 135 -7.39 -26.70 27.11
CA LEU C 135 -8.29 -25.95 26.19
C LEU C 135 -8.88 -26.91 25.15
N VAL C 136 -8.02 -27.66 24.45
CA VAL C 136 -8.41 -28.62 23.37
C VAL C 136 -9.49 -29.57 23.91
N GLU C 137 -9.39 -29.97 25.19
CA GLU C 137 -10.25 -31.00 25.83
C GLU C 137 -11.49 -30.37 26.47
N HIS C 138 -11.57 -29.03 26.50
CA HIS C 138 -12.76 -28.27 27.00
C HIS C 138 -13.43 -27.53 25.84
N LYS C 139 -13.52 -28.20 24.67
CA LYS C 139 -14.44 -27.89 23.53
C LYS C 139 -13.86 -26.75 22.66
N ALA C 140 -12.55 -26.51 22.73
CA ALA C 140 -11.83 -25.55 21.85
C ALA C 140 -11.75 -26.14 20.44
N ASP C 141 -11.91 -25.29 19.42
CA ASP C 141 -11.78 -25.70 17.98
C ASP C 141 -10.35 -25.37 17.51
N LEU C 142 -9.73 -26.31 16.79
CA LEU C 142 -8.34 -26.22 16.24
C LEU C 142 -8.31 -25.33 14.98
N GLU C 143 -9.44 -25.28 14.25
CA GLU C 143 -9.57 -24.68 12.88
C GLU C 143 -10.16 -23.29 12.95
N VAL C 144 -10.23 -22.75 14.28
CA VAL C 144 -10.50 -21.28 14.45
C VAL C 144 -9.16 -20.57 14.25
N SER C 145 -9.04 -19.80 13.17
CA SER C 145 -7.82 -19.08 12.75
C SER C 145 -8.00 -17.57 12.98
N ASN C 146 -6.94 -16.80 12.84
CA ASN C 146 -6.98 -15.32 12.98
C ASN C 146 -7.58 -14.71 11.71
N ARG C 147 -7.75 -13.38 11.69
CA ARG C 147 -8.31 -12.58 10.55
C ARG C 147 -7.61 -12.97 9.23
N HIS C 148 -6.30 -13.32 9.25
CA HIS C 148 -5.46 -13.59 8.05
C HIS C 148 -5.45 -15.08 7.67
N GLY C 149 -6.24 -15.91 8.36
CA GLY C 149 -6.39 -17.35 8.08
C GLY C 149 -5.24 -18.18 8.64
N HIS C 150 -4.43 -17.60 9.54
CA HIS C 150 -3.32 -18.30 10.24
C HIS C 150 -3.92 -19.16 11.35
N THR C 151 -3.60 -20.45 11.36
CA THR C 151 -4.14 -21.46 12.31
C THR C 151 -3.28 -21.51 13.58
N CYS C 152 -3.71 -22.29 14.57
CA CYS C 152 -2.95 -22.65 15.78
C CYS C 152 -1.78 -23.57 15.41
N LEU C 153 -2.03 -24.61 14.60
CA LEU C 153 -0.97 -25.54 14.11
C LEU C 153 0.15 -24.73 13.44
N MET C 154 -0.20 -23.83 12.51
CA MET C 154 0.77 -22.95 11.80
C MET C 154 1.67 -22.23 12.81
N ILE C 155 1.10 -21.47 13.75
CA ILE C 155 1.88 -20.64 14.73
C ILE C 155 2.67 -21.56 15.67
N SER C 156 2.15 -22.76 15.97
CA SER C 156 2.88 -23.84 16.71
C SER C 156 4.17 -24.21 15.99
N CYS C 157 4.13 -24.29 14.65
CA CYS C 157 5.26 -24.72 13.78
C CYS C 157 6.27 -23.60 13.61
N TYR C 158 5.82 -22.36 13.41
CA TYR C 158 6.70 -21.18 13.21
C TYR C 158 7.47 -20.88 14.50
N LYS C 159 6.93 -21.23 15.67
CA LYS C 159 7.58 -20.97 16.99
C LYS C 159 8.34 -22.22 17.47
N GLY C 160 8.48 -23.25 16.62
CA GLY C 160 9.42 -24.37 16.82
C GLY C 160 8.95 -25.40 17.84
N HIS C 161 7.72 -25.25 18.38
CA HIS C 161 7.15 -26.04 19.51
C HIS C 161 6.76 -27.45 19.03
N LYS C 162 7.64 -28.44 19.23
CA LYS C 162 7.50 -29.81 18.67
C LYS C 162 6.34 -30.56 19.36
N GLU C 163 6.27 -30.49 20.71
CA GLU C 163 5.26 -31.22 21.53
C GLU C 163 3.84 -30.76 21.16
N ILE C 164 3.64 -29.45 21.02
CA ILE C 164 2.31 -28.80 20.78
C ILE C 164 1.81 -29.18 19.38
N ALA C 165 2.70 -29.13 18.38
CA ALA C 165 2.43 -29.51 16.99
C ALA C 165 1.94 -30.97 16.94
N GLN C 166 2.74 -31.90 17.45
CA GLN C 166 2.45 -33.37 17.40
C GLN C 166 1.07 -33.63 17.99
N TYR C 167 0.71 -32.92 19.08
CA TYR C 167 -0.58 -33.07 19.81
C TYR C 167 -1.71 -32.45 18.98
N LEU C 168 -1.53 -31.21 18.50
CA LEU C 168 -2.50 -30.48 17.65
C LEU C 168 -2.79 -31.33 16.40
N LEU C 169 -1.80 -32.10 15.92
CA LEU C 169 -1.91 -32.99 14.72
C LEU C 169 -2.81 -34.19 15.03
N GLU C 170 -2.48 -34.96 16.09
CA GLU C 170 -3.11 -36.28 16.42
C GLU C 170 -4.53 -36.07 16.98
N LYS C 171 -4.87 -34.83 17.37
CA LYS C 171 -6.26 -34.38 17.68
C LYS C 171 -6.97 -33.90 16.39
N GLY C 172 -6.30 -34.00 15.22
CA GLY C 172 -6.93 -33.99 13.89
C GLY C 172 -6.75 -32.68 13.13
N ALA C 173 -5.90 -31.76 13.59
CA ALA C 173 -5.66 -30.46 12.93
C ALA C 173 -5.33 -30.70 11.45
N ASP C 174 -5.85 -29.83 10.56
CA ASP C 174 -5.68 -29.92 9.09
C ASP C 174 -4.31 -29.34 8.68
N VAL C 175 -3.42 -30.21 8.20
CA VAL C 175 -2.02 -29.86 7.82
C VAL C 175 -2.02 -28.87 6.65
N ASN C 176 -2.99 -29.01 5.72
CA ASN C 176 -2.94 -28.42 4.37
C ASN C 176 -3.80 -27.14 4.29
N ARG C 177 -4.25 -26.60 5.44
CA ARG C 177 -4.84 -25.23 5.52
C ARG C 177 -3.86 -24.24 4.87
N LYS C 178 -4.36 -23.36 4.00
CA LYS C 178 -3.65 -22.18 3.45
C LYS C 178 -4.15 -20.93 4.19
N SER C 179 -3.29 -19.95 4.44
CA SER C 179 -3.68 -18.59 4.92
C SER C 179 -4.26 -17.81 3.75
N VAL C 180 -4.73 -16.58 4.01
CA VAL C 180 -5.28 -15.64 2.97
C VAL C 180 -4.20 -15.40 1.90
N LYS C 181 -2.93 -15.34 2.29
CA LYS C 181 -1.75 -15.15 1.40
C LYS C 181 -1.09 -16.51 1.09
N GLY C 182 -1.83 -17.62 1.23
CA GLY C 182 -1.41 -18.98 0.81
C GLY C 182 -0.25 -19.56 1.63
N ASN C 183 -0.05 -19.09 2.87
CA ASN C 183 0.92 -19.70 3.83
C ASN C 183 0.38 -21.05 4.33
N THR C 184 1.24 -22.06 4.40
CA THR C 184 0.96 -23.38 5.03
C THR C 184 1.88 -23.56 6.25
N ALA C 185 1.58 -24.56 7.08
CA ALA C 185 2.40 -24.98 8.24
C ALA C 185 3.82 -25.36 7.77
N LEU C 186 3.96 -26.00 6.60
CA LEU C 186 5.28 -26.36 6.02
C LEU C 186 6.13 -25.09 5.87
N HIS C 187 5.57 -24.02 5.31
CA HIS C 187 6.24 -22.70 5.20
C HIS C 187 6.72 -22.27 6.60
N ASP C 188 5.80 -22.26 7.58
CA ASP C 188 6.10 -21.91 8.99
C ASP C 188 7.28 -22.74 9.52
N CYS C 189 7.41 -24.01 9.10
CA CYS C 189 8.57 -24.88 9.42
C CYS C 189 9.81 -24.39 8.67
N ALA C 190 9.71 -24.25 7.34
CA ALA C 190 10.80 -23.75 6.48
C ALA C 190 11.42 -22.48 7.10
N GLU C 191 10.59 -21.50 7.45
CA GLU C 191 11.01 -20.10 7.79
C GLU C 191 11.56 -20.03 9.23
N SER C 192 11.40 -21.10 10.03
CA SER C 192 11.86 -21.21 11.45
C SER C 192 12.94 -22.28 11.62
N GLY C 193 13.33 -22.98 10.55
CA GLY C 193 14.35 -24.07 10.59
C GLY C 193 13.90 -25.26 11.44
N SER C 194 12.59 -25.36 11.74
CA SER C 194 11.98 -26.46 12.52
C SER C 194 11.87 -27.70 11.62
N LEU C 195 13.00 -28.41 11.45
CA LEU C 195 13.19 -29.55 10.51
C LEU C 195 12.40 -30.78 10.99
N ASP C 196 12.53 -31.12 12.28
CA ASP C 196 11.87 -32.31 12.90
C ASP C 196 10.35 -32.22 12.67
N ILE C 197 9.76 -31.08 12.97
CA ILE C 197 8.31 -30.81 12.76
C ILE C 197 7.98 -30.99 11.27
N MET C 198 8.84 -30.46 10.38
CA MET C 198 8.63 -30.55 8.90
C MET C 198 8.51 -32.03 8.52
N LYS C 199 9.49 -32.84 8.91
CA LYS C 199 9.47 -34.33 8.74
C LYS C 199 8.14 -34.88 9.26
N MET C 200 7.66 -34.35 10.39
CA MET C 200 6.42 -34.83 11.07
C MET C 200 5.18 -34.39 10.27
N LEU C 201 5.18 -33.17 9.71
CA LEU C 201 4.07 -32.67 8.85
C LEU C 201 3.92 -33.58 7.61
N LEU C 202 5.03 -33.96 6.97
CA LEU C 202 5.06 -34.77 5.72
C LEU C 202 4.48 -36.17 5.98
N MET C 203 4.73 -36.73 7.16
CA MET C 203 4.22 -38.06 7.59
C MET C 203 2.69 -38.02 7.69
N TYR C 204 2.12 -36.83 7.95
CA TYR C 204 0.64 -36.58 8.03
C TYR C 204 0.11 -36.17 6.63
N CYS C 205 0.91 -36.40 5.58
CA CYS C 205 0.57 -36.18 4.15
C CYS C 205 0.33 -34.69 3.86
N ALA C 206 1.22 -33.83 4.38
CA ALA C 206 1.27 -32.38 4.08
C ALA C 206 1.84 -32.17 2.66
N LYS C 207 1.12 -31.40 1.83
CA LYS C 207 1.51 -31.08 0.42
C LYS C 207 2.43 -29.86 0.43
N MET C 208 3.53 -29.92 -0.33
CA MET C 208 4.44 -28.78 -0.60
C MET C 208 3.89 -27.97 -1.77
N GLU C 209 3.52 -26.70 -1.54
CA GLU C 209 2.80 -25.84 -2.50
C GLU C 209 3.38 -24.42 -2.47
N LYS C 210 3.19 -23.67 -3.56
CA LYS C 210 3.60 -22.24 -3.70
C LYS C 210 2.63 -21.35 -2.93
N ASP C 211 3.13 -20.43 -2.11
CA ASP C 211 2.31 -19.42 -1.40
C ASP C 211 1.91 -18.31 -2.38
N GLY C 212 1.37 -17.20 -1.88
CA GLY C 212 0.95 -16.03 -2.67
C GLY C 212 2.10 -15.44 -3.50
N TYR C 213 3.28 -15.24 -2.88
CA TYR C 213 4.51 -14.73 -3.55
C TYR C 213 4.94 -15.68 -4.69
N GLY C 214 4.65 -16.98 -4.55
CA GLY C 214 5.13 -18.05 -5.47
C GLY C 214 6.27 -18.85 -4.86
N MET C 215 6.30 -18.93 -3.52
CA MET C 215 7.38 -19.53 -2.70
C MET C 215 6.95 -20.91 -2.23
N THR C 216 7.70 -21.93 -2.59
CA THR C 216 7.63 -23.28 -1.97
C THR C 216 8.25 -23.15 -0.58
N PRO C 217 7.93 -24.05 0.37
CA PRO C 217 8.69 -24.17 1.60
C PRO C 217 10.21 -24.19 1.36
N LEU C 218 10.67 -25.02 0.43
CA LEU C 218 12.10 -25.10 0.03
C LEU C 218 12.66 -23.68 -0.16
N LEU C 219 12.03 -22.88 -1.01
CA LEU C 219 12.55 -21.54 -1.38
C LEU C 219 12.46 -20.59 -0.18
N SER C 220 11.37 -20.65 0.59
CA SER C 220 11.19 -19.90 1.85
C SER C 220 12.41 -20.10 2.76
N ALA C 221 12.91 -21.34 2.83
CA ALA C 221 14.06 -21.75 3.67
C ALA C 221 15.34 -21.10 3.14
N SER C 222 15.47 -20.98 1.82
CA SER C 222 16.62 -20.31 1.16
C SER C 222 16.62 -18.80 1.49
N VAL C 223 15.47 -18.15 1.39
CA VAL C 223 15.29 -16.71 1.69
C VAL C 223 15.73 -16.47 3.13
N THR C 224 15.28 -17.33 4.05
CA THR C 224 15.44 -17.14 5.52
C THR C 224 16.78 -17.74 5.98
N GLY C 225 17.49 -18.44 5.10
CA GLY C 225 18.86 -18.93 5.35
C GLY C 225 18.90 -20.16 6.24
N HIS C 226 17.82 -20.96 6.29
CA HIS C 226 17.73 -22.20 7.11
C HIS C 226 18.30 -23.40 6.34
N THR C 227 19.62 -23.58 6.42
CA THR C 227 20.44 -24.57 5.67
C THR C 227 19.92 -25.99 5.88
N ASN C 228 19.47 -26.30 7.11
CA ASN C 228 19.02 -27.67 7.51
C ASN C 228 17.81 -28.07 6.64
N ILE C 229 16.88 -27.15 6.40
CA ILE C 229 15.67 -27.40 5.56
C ILE C 229 16.11 -27.59 4.10
N VAL C 230 17.08 -26.80 3.61
CA VAL C 230 17.50 -26.80 2.17
C VAL C 230 18.26 -28.11 1.87
N ASP C 231 19.17 -28.52 2.74
CA ASP C 231 19.91 -29.80 2.60
C ASP C 231 18.90 -30.95 2.53
N PHE C 232 17.87 -30.92 3.38
CA PHE C 232 16.85 -32.00 3.44
C PHE C 232 16.05 -32.00 2.15
N LEU C 233 15.44 -30.86 1.80
CA LEU C 233 14.40 -30.78 0.74
C LEU C 233 15.03 -30.84 -0.67
N THR C 234 16.34 -30.60 -0.81
CA THR C 234 17.08 -30.78 -2.11
C THR C 234 17.38 -32.27 -2.36
N HIS C 235 17.11 -33.16 -1.39
CA HIS C 235 17.33 -34.64 -1.50
C HIS C 235 15.99 -35.38 -1.55
N HIS C 236 14.86 -34.65 -1.65
CA HIS C 236 13.47 -35.17 -1.57
C HIS C 236 12.91 -35.34 -2.98
N ALA C 237 12.28 -36.49 -3.25
CA ALA C 237 11.75 -36.87 -4.57
C ALA C 237 10.91 -35.72 -5.14
N GLN C 238 10.15 -35.04 -4.27
CA GLN C 238 9.06 -34.10 -4.65
C GLN C 238 9.61 -32.73 -5.10
N THR C 239 10.94 -32.53 -5.15
CA THR C 239 11.55 -31.29 -5.70
C THR C 239 12.36 -31.61 -6.96
N SER C 240 12.17 -30.83 -8.00
CA SER C 240 12.74 -31.00 -9.36
C SER C 240 14.19 -30.53 -9.40
N LYS C 241 14.92 -30.90 -10.45
CA LYS C 241 16.34 -30.54 -10.68
C LYS C 241 16.48 -29.02 -10.64
N THR C 242 15.56 -28.28 -11.27
CA THR C 242 15.59 -26.79 -11.42
C THR C 242 15.28 -26.13 -10.07
N GLU C 243 14.37 -26.71 -9.28
CA GLU C 243 13.95 -26.20 -7.96
C GLU C 243 15.16 -26.23 -7.04
N ARG C 244 15.97 -27.29 -7.14
CA ARG C 244 17.14 -27.52 -6.27
C ARG C 244 18.25 -26.53 -6.65
N ILE C 245 18.49 -26.31 -7.93
CA ILE C 245 19.55 -25.39 -8.42
C ILE C 245 19.20 -23.98 -7.97
N ASN C 246 17.96 -23.57 -8.15
CA ASN C 246 17.46 -22.23 -7.75
C ASN C 246 17.55 -22.10 -6.23
N ALA C 247 17.07 -23.08 -5.48
CA ALA C 247 17.07 -23.07 -3.99
C ALA C 247 18.49 -22.89 -3.47
N LEU C 248 19.47 -23.57 -4.05
CA LEU C 248 20.90 -23.52 -3.60
C LEU C 248 21.51 -22.16 -3.98
N GLU C 249 21.14 -21.64 -5.15
CA GLU C 249 21.68 -20.35 -5.67
C GLU C 249 21.12 -19.23 -4.79
N LEU C 250 19.82 -19.28 -4.47
CA LEU C 250 19.18 -18.28 -3.59
C LEU C 250 19.80 -18.36 -2.19
N LEU C 251 19.99 -19.56 -1.65
CA LEU C 251 20.59 -19.77 -0.29
C LEU C 251 21.99 -19.15 -0.27
N GLY C 252 22.75 -19.32 -1.35
CA GLY C 252 24.08 -18.71 -1.51
C GLY C 252 23.98 -17.21 -1.37
N ALA C 253 23.02 -16.61 -2.04
CA ALA C 253 22.80 -15.16 -2.03
C ALA C 253 22.44 -14.71 -0.60
N THR C 254 21.69 -15.54 0.13
CA THR C 254 21.36 -15.32 1.55
C THR C 254 22.67 -15.36 2.36
N PHE C 255 23.55 -16.34 2.10
CA PHE C 255 24.88 -16.44 2.78
C PHE C 255 25.65 -15.12 2.61
N VAL C 256 25.62 -14.50 1.41
CA VAL C 256 26.37 -13.25 1.12
C VAL C 256 25.77 -12.08 1.91
N ASP C 257 24.45 -11.91 1.85
CA ASP C 257 23.78 -10.64 2.22
C ASP C 257 23.35 -10.70 3.69
N LYS C 258 22.77 -11.80 4.14
CA LYS C 258 22.23 -11.93 5.52
C LYS C 258 23.29 -12.51 6.47
N LYS C 259 24.06 -13.52 6.05
CA LYS C 259 25.03 -14.24 6.92
C LYS C 259 26.44 -13.65 6.78
N ARG C 260 26.67 -12.82 5.77
CA ARG C 260 27.96 -12.12 5.50
C ARG C 260 29.10 -13.14 5.39
N ASP C 261 28.82 -14.29 4.76
CA ASP C 261 29.69 -15.49 4.69
C ASP C 261 29.92 -15.87 3.22
N LEU C 262 30.91 -15.26 2.57
CA LEU C 262 31.20 -15.39 1.12
C LEU C 262 31.65 -16.83 0.81
N LEU C 263 32.39 -17.46 1.72
CA LEU C 263 32.94 -18.83 1.55
C LEU C 263 31.79 -19.84 1.48
N GLY C 264 30.78 -19.66 2.34
CA GLY C 264 29.56 -20.47 2.32
C GLY C 264 28.79 -20.32 1.03
N ALA C 265 28.64 -19.08 0.55
CA ALA C 265 27.87 -18.75 -0.67
C ALA C 265 28.48 -19.49 -1.86
N LEU C 266 29.80 -19.40 -2.01
CA LEU C 266 30.57 -19.93 -3.16
C LEU C 266 30.46 -21.46 -3.21
N LYS C 267 30.46 -22.11 -2.05
CA LYS C 267 30.31 -23.59 -1.93
C LYS C 267 28.96 -23.97 -2.58
N TYR C 268 27.87 -23.32 -2.16
CA TYR C 268 26.50 -23.60 -2.66
C TYR C 268 26.39 -23.25 -4.15
N TRP C 269 27.03 -22.17 -4.59
CA TRP C 269 26.99 -21.74 -6.02
C TRP C 269 27.71 -22.76 -6.90
N LYS C 270 28.77 -23.42 -6.38
CA LYS C 270 29.55 -24.45 -7.13
C LYS C 270 28.73 -25.74 -7.25
N LYS C 271 28.04 -26.14 -6.16
CA LYS C 271 27.15 -27.33 -6.09
C LYS C 271 26.03 -27.16 -7.14
N ALA C 272 25.37 -26.00 -7.18
CA ALA C 272 24.27 -25.69 -8.12
C ALA C 272 24.78 -25.67 -9.57
N MET C 273 25.94 -25.03 -9.80
CA MET C 273 26.56 -24.91 -11.16
C MET C 273 26.83 -26.31 -11.72
N ASN C 274 27.40 -27.22 -10.92
CA ASN C 274 27.63 -28.64 -11.29
C ASN C 274 26.33 -29.26 -11.78
N MET C 275 25.27 -29.21 -10.97
CA MET C 275 23.95 -29.81 -11.30
C MET C 275 23.47 -29.25 -12.63
N ARG C 276 23.73 -27.98 -12.92
CA ARG C 276 23.32 -27.30 -14.18
C ARG C 276 23.93 -28.04 -15.39
N TYR C 277 25.15 -28.56 -15.27
CA TYR C 277 25.90 -29.20 -16.39
C TYR C 277 26.33 -30.63 -16.03
N SER C 278 25.52 -31.37 -15.27
CA SER C 278 25.80 -32.78 -14.87
C SER C 278 25.35 -33.74 -15.99
N ASP C 279 24.24 -33.41 -16.66
CA ASP C 279 23.60 -34.24 -17.73
C ASP C 279 23.88 -33.60 -19.10
N ARG C 280 24.04 -34.43 -20.14
CA ARG C 280 24.14 -34.00 -21.56
C ARG C 280 22.75 -33.63 -22.05
N THR C 281 21.73 -34.42 -21.67
CA THR C 281 20.35 -34.44 -22.27
C THR C 281 19.43 -33.41 -21.57
N ASN C 282 19.80 -32.94 -20.37
CA ASN C 282 18.94 -32.07 -19.52
C ASN C 282 19.80 -30.95 -18.91
N ILE C 283 20.39 -30.11 -19.76
CA ILE C 283 21.22 -28.94 -19.35
C ILE C 283 20.27 -27.79 -18.98
N ILE C 284 20.46 -27.23 -17.79
CA ILE C 284 19.66 -26.08 -17.26
C ILE C 284 20.58 -24.85 -17.28
N SER C 285 20.46 -24.06 -18.35
CA SER C 285 21.27 -22.85 -18.63
C SER C 285 20.67 -21.68 -17.83
N LYS C 286 21.51 -20.73 -17.41
CA LYS C 286 21.04 -19.54 -16.67
C LYS C 286 20.26 -18.67 -17.65
N PRO C 287 18.99 -18.29 -17.31
CA PRO C 287 18.24 -17.35 -18.14
C PRO C 287 18.97 -16.00 -18.24
N VAL C 288 18.87 -15.33 -19.38
CA VAL C 288 19.49 -14.00 -19.64
C VAL C 288 18.51 -12.90 -19.22
N PRO C 289 18.94 -11.93 -18.37
CA PRO C 289 18.12 -10.75 -18.08
C PRO C 289 17.99 -9.83 -19.30
N GLN C 290 16.85 -9.12 -19.40
CA GLN C 290 16.47 -8.27 -20.58
C GLN C 290 17.50 -7.16 -20.78
N THR C 291 18.11 -6.65 -19.71
CA THR C 291 19.11 -5.53 -19.73
C THR C 291 20.10 -5.66 -18.58
N LEU C 292 21.30 -5.10 -18.75
CA LEU C 292 22.27 -4.85 -17.67
C LEU C 292 21.74 -3.69 -16.82
N ILE C 293 21.87 -3.80 -15.49
CA ILE C 293 21.35 -2.84 -14.48
C ILE C 293 22.52 -2.00 -13.96
N MET C 294 22.44 -0.68 -14.12
CA MET C 294 23.50 0.29 -13.69
C MET C 294 23.75 0.17 -12.18
N ALA C 295 22.69 -0.04 -11.41
CA ALA C 295 22.76 -0.19 -9.94
C ALA C 295 23.55 -1.47 -9.56
N TYR C 296 23.52 -2.50 -10.42
CA TYR C 296 24.26 -3.79 -10.23
C TYR C 296 25.66 -3.72 -10.87
N ASP C 297 26.13 -2.53 -11.23
CA ASP C 297 27.44 -2.27 -11.88
C ASP C 297 27.50 -2.99 -13.24
N TYR C 298 26.35 -3.22 -13.86
CA TYR C 298 26.20 -3.86 -15.20
C TYR C 298 26.76 -5.29 -15.16
N ALA C 299 26.73 -5.95 -14.00
CA ALA C 299 27.19 -7.34 -13.80
C ALA C 299 26.27 -8.33 -14.52
N LYS C 300 26.81 -9.50 -14.87
CA LYS C 300 26.07 -10.68 -15.42
C LYS C 300 26.35 -11.86 -14.50
N GLU C 301 25.38 -12.77 -14.32
CA GLU C 301 25.57 -13.97 -13.48
C GLU C 301 26.72 -14.79 -14.08
N VAL C 302 27.52 -15.43 -13.23
CA VAL C 302 28.47 -16.50 -13.66
C VAL C 302 27.67 -17.60 -14.36
N ASN C 303 28.22 -18.15 -15.44
CA ASN C 303 27.50 -19.12 -16.33
C ASN C 303 28.30 -20.42 -16.41
N SER C 304 29.39 -20.56 -15.65
CA SER C 304 30.30 -21.74 -15.65
C SER C 304 31.06 -21.86 -14.33
N ALA C 305 31.63 -23.05 -14.08
CA ALA C 305 32.47 -23.41 -12.90
C ALA C 305 33.75 -22.58 -12.91
N GLU C 306 34.31 -22.33 -14.10
CA GLU C 306 35.58 -21.56 -14.30
C GLU C 306 35.35 -20.10 -13.86
N GLU C 307 34.32 -19.45 -14.42
CA GLU C 307 33.92 -18.03 -14.09
C GLU C 307 33.75 -17.86 -12.57
N LEU C 308 33.54 -18.96 -11.86
CA LEU C 308 33.14 -19.03 -10.42
C LEU C 308 34.37 -19.18 -9.50
N GLU C 309 35.55 -19.43 -10.07
CA GLU C 309 36.71 -20.07 -9.36
C GLU C 309 37.46 -19.04 -8.49
N GLY C 310 37.74 -17.85 -9.02
CA GLY C 310 38.53 -16.78 -8.36
C GLY C 310 37.68 -15.82 -7.53
N LEU C 311 36.36 -15.96 -7.62
CA LEU C 311 35.34 -14.99 -7.13
C LEU C 311 35.64 -14.55 -5.69
N ILE C 312 36.15 -15.44 -4.84
CA ILE C 312 36.42 -15.16 -3.39
C ILE C 312 37.28 -13.89 -3.26
N ALA C 313 38.17 -13.64 -4.22
CA ALA C 313 39.12 -12.49 -4.23
C ALA C 313 38.41 -11.19 -4.65
N ASP C 314 37.14 -11.28 -5.11
CA ASP C 314 36.34 -10.12 -5.60
C ASP C 314 35.02 -10.04 -4.85
N PRO C 315 35.03 -9.65 -3.55
CA PRO C 315 33.79 -9.48 -2.77
C PRO C 315 32.69 -8.68 -3.50
N ASP C 316 33.04 -7.59 -4.16
CA ASP C 316 32.09 -6.71 -4.90
C ASP C 316 31.38 -7.52 -5.99
N GLU C 317 32.12 -8.30 -6.79
CA GLU C 317 31.51 -9.18 -7.83
C GLU C 317 30.55 -10.17 -7.14
N MET C 318 30.98 -10.83 -6.06
CA MET C 318 30.14 -11.80 -5.30
C MET C 318 28.83 -11.15 -4.88
N ARG C 319 28.90 -9.89 -4.41
CA ARG C 319 27.74 -9.13 -3.87
C ARG C 319 26.78 -8.77 -5.00
N MET C 320 27.29 -8.41 -6.16
CA MET C 320 26.49 -8.13 -7.38
C MET C 320 25.82 -9.44 -7.88
N GLN C 321 26.52 -10.58 -7.76
CA GLN C 321 25.96 -11.92 -8.11
C GLN C 321 24.73 -12.18 -7.23
N ALA C 322 24.87 -12.03 -5.92
CA ALA C 322 23.79 -12.25 -4.92
C ALA C 322 22.56 -11.43 -5.32
N LEU C 323 22.74 -10.18 -5.72
CA LEU C 323 21.63 -9.30 -6.14
C LEU C 323 21.03 -9.82 -7.45
N LEU C 324 21.85 -10.15 -8.46
CA LEU C 324 21.32 -10.65 -9.77
C LEU C 324 20.45 -11.89 -9.51
N ILE C 325 20.90 -12.76 -8.61
CA ILE C 325 20.29 -14.09 -8.32
C ILE C 325 18.92 -13.87 -7.67
N ARG C 326 18.88 -13.10 -6.59
CA ARG C 326 17.66 -12.81 -5.82
C ARG C 326 16.61 -12.19 -6.75
N GLU C 327 17.02 -11.24 -7.60
CA GLU C 327 16.08 -10.53 -8.51
C GLU C 327 15.52 -11.53 -9.53
N ARG C 328 16.35 -12.44 -10.04
CA ARG C 328 15.95 -13.50 -11.01
C ARG C 328 14.98 -14.47 -10.33
N ILE C 329 15.28 -14.93 -9.10
CA ILE C 329 14.53 -16.06 -8.47
C ILE C 329 13.29 -15.53 -7.73
N LEU C 330 13.45 -14.58 -6.80
CA LEU C 330 12.33 -14.02 -5.99
C LEU C 330 11.51 -13.02 -6.83
N GLY C 331 12.16 -12.26 -7.71
CA GLY C 331 11.53 -11.20 -8.52
C GLY C 331 11.44 -9.85 -7.77
N PRO C 332 11.08 -8.76 -8.47
CA PRO C 332 11.01 -7.43 -7.86
C PRO C 332 9.79 -7.21 -6.95
N SER C 333 8.86 -8.16 -6.93
CA SER C 333 7.62 -8.13 -6.10
C SER C 333 7.90 -8.69 -4.71
N HIS C 334 8.91 -9.52 -4.54
CA HIS C 334 9.23 -10.12 -3.23
C HIS C 334 9.90 -9.04 -2.38
N PRO C 335 9.37 -8.76 -1.15
CA PRO C 335 9.92 -7.72 -0.29
C PRO C 335 11.44 -7.83 -0.09
N ASP C 336 11.96 -9.06 -0.08
CA ASP C 336 13.38 -9.30 0.26
C ASP C 336 14.27 -8.76 -0.87
N THR C 337 13.78 -8.64 -2.09
CA THR C 337 14.57 -8.09 -3.22
C THR C 337 14.98 -6.64 -2.89
N SER C 338 14.02 -5.72 -2.71
CA SER C 338 14.31 -4.28 -2.46
C SER C 338 15.07 -4.15 -1.14
N TYR C 339 14.72 -4.96 -0.15
CA TYR C 339 15.35 -4.99 1.18
C TYR C 339 16.87 -5.11 1.02
N TYR C 340 17.34 -6.15 0.33
CA TYR C 340 18.79 -6.48 0.32
C TYR C 340 19.53 -5.52 -0.62
N ILE C 341 18.86 -4.98 -1.63
CA ILE C 341 19.42 -3.86 -2.44
C ILE C 341 19.69 -2.64 -1.52
N ARG C 342 18.77 -2.33 -0.60
CA ARG C 342 18.92 -1.17 0.33
C ARG C 342 20.04 -1.49 1.35
N TYR C 343 20.06 -2.70 1.89
CA TYR C 343 21.08 -3.16 2.85
C TYR C 343 22.46 -2.99 2.20
N ARG C 344 22.61 -3.49 0.99
CA ARG C 344 23.91 -3.49 0.26
C ARG C 344 24.33 -2.04 0.02
N GLY C 345 23.40 -1.20 -0.38
CA GLY C 345 23.63 0.25 -0.53
C GLY C 345 24.22 0.86 0.72
N ALA C 346 23.62 0.57 1.88
CA ALA C 346 24.02 1.08 3.21
C ALA C 346 25.44 0.62 3.53
N VAL C 347 25.76 -0.64 3.24
CA VAL C 347 27.11 -1.19 3.58
C VAL C 347 28.16 -0.39 2.81
N TYR C 348 27.96 -0.12 1.52
CA TYR C 348 28.84 0.78 0.72
C TYR C 348 28.94 2.15 1.41
N ALA C 349 27.82 2.74 1.86
CA ALA C 349 27.78 4.07 2.54
C ALA C 349 28.74 4.07 3.72
N ASP C 350 28.72 3.00 4.53
CA ASP C 350 29.57 2.84 5.74
C ASP C 350 31.06 2.79 5.32
N SER C 351 31.40 2.34 4.10
CA SER C 351 32.82 2.29 3.58
C SER C 351 33.19 3.62 2.92
N GLY C 352 32.25 4.57 2.82
CA GLY C 352 32.48 5.91 2.25
C GLY C 352 32.04 6.06 0.79
N ASN C 353 31.38 5.06 0.20
CA ASN C 353 30.92 5.15 -1.21
C ASN C 353 29.44 5.56 -1.23
N PHE C 354 29.16 6.85 -1.06
CA PHE C 354 27.78 7.39 -1.01
C PHE C 354 27.15 7.30 -2.41
N LYS C 355 27.92 7.44 -3.49
CA LYS C 355 27.39 7.39 -4.87
C LYS C 355 26.84 5.99 -5.17
N ARG C 356 27.58 4.95 -4.82
CA ARG C 356 27.16 3.52 -4.98
C ARG C 356 25.89 3.28 -4.16
N CYS C 357 25.84 3.77 -2.92
CA CYS C 357 24.66 3.67 -2.04
C CYS C 357 23.45 4.28 -2.76
N ILE C 358 23.61 5.48 -3.28
CA ILE C 358 22.48 6.28 -3.80
C ILE C 358 21.94 5.60 -5.06
N ASN C 359 22.81 5.08 -5.93
CA ASN C 359 22.38 4.47 -7.21
C ASN C 359 21.64 3.15 -6.93
N LEU C 360 22.07 2.40 -5.93
CA LEU C 360 21.38 1.17 -5.46
C LEU C 360 20.01 1.56 -4.86
N TRP C 361 19.94 2.60 -4.03
CA TRP C 361 18.70 3.00 -3.34
C TRP C 361 17.69 3.54 -4.37
N LYS C 362 18.17 4.28 -5.36
CA LYS C 362 17.37 4.83 -6.48
C LYS C 362 16.64 3.67 -7.14
N TYR C 363 17.35 2.59 -7.40
CA TYR C 363 16.81 1.36 -8.03
C TYR C 363 15.81 0.67 -7.06
N ALA C 364 16.15 0.53 -5.78
CA ALA C 364 15.29 -0.09 -4.74
C ALA C 364 14.01 0.73 -4.53
N LEU C 365 14.10 2.05 -4.52
CA LEU C 365 12.93 2.91 -4.26
C LEU C 365 12.00 2.89 -5.47
N ASP C 366 12.54 2.89 -6.69
CA ASP C 366 11.77 2.67 -7.96
C ASP C 366 11.03 1.34 -7.89
N MET C 367 11.67 0.31 -7.35
CA MET C 367 11.12 -1.08 -7.26
C MET C 367 9.98 -1.13 -6.24
N GLN C 368 10.20 -0.67 -5.00
CA GLN C 368 9.16 -0.58 -3.93
C GLN C 368 7.95 0.20 -4.44
N GLN C 369 8.16 1.32 -5.12
CA GLN C 369 7.08 2.23 -5.57
C GLN C 369 6.13 1.49 -6.51
N SER C 370 6.64 0.50 -7.24
CA SER C 370 5.90 -0.31 -8.26
C SER C 370 5.04 -1.40 -7.59
N ASN C 371 5.41 -1.91 -6.42
CA ASN C 371 4.76 -3.08 -5.75
C ASN C 371 3.46 -2.64 -5.05
N ARG D 2 -0.56 17.12 4.17
CA ARG D 2 -0.50 15.79 3.46
C ARG D 2 -0.03 14.70 4.43
N ARG D 3 -0.60 14.65 5.64
CA ARG D 3 -0.07 13.84 6.78
C ARG D 3 -1.17 12.94 7.36
N ARG D 4 -0.77 11.81 7.97
CA ARG D 4 -1.64 10.74 8.56
C ARG D 4 -2.83 10.47 7.64
N ARG D 5 -4.06 10.83 8.07
CA ARG D 5 -5.32 10.68 7.30
C ARG D 5 -5.69 12.05 6.69
N TRP D 6 -4.87 12.56 5.76
CA TRP D 6 -5.12 13.82 4.99
C TRP D 6 -6.27 13.63 3.98
N ARG D 7 -6.54 12.40 3.53
CA ARG D 7 -7.60 12.11 2.53
C ARG D 7 -8.97 12.23 3.21
N GLU D 8 -9.09 11.74 4.45
CA GLU D 8 -10.28 11.93 5.31
C GLU D 8 -10.70 13.39 5.30
N ARG D 9 -9.75 14.32 5.44
CA ARG D 9 -10.02 15.76 5.72
C ARG D 9 -9.99 16.58 4.44
N GLN D 10 -10.21 15.98 3.27
CA GLN D 10 -10.37 16.73 1.99
C GLN D 10 -11.78 17.37 1.93
N ARG D 11 -11.94 18.41 1.12
CA ARG D 11 -13.24 19.08 0.84
C ARG D 11 -14.31 18.02 0.50
N ARG E 4 5.25 1.10 -14.56
CA ARG E 4 4.09 1.89 -15.14
C ARG E 4 2.99 0.93 -15.61
N ARG E 5 1.99 0.68 -14.75
CA ARG E 5 0.81 -0.19 -15.01
C ARG E 5 1.28 -1.65 -15.27
N TRP E 6 2.47 -2.00 -14.81
CA TRP E 6 3.07 -3.33 -15.05
C TRP E 6 2.07 -4.43 -14.60
N ARG E 7 1.33 -4.18 -13.51
CA ARG E 7 0.34 -5.16 -12.95
C ARG E 7 -0.83 -5.30 -13.93
N GLU E 8 -1.43 -4.18 -14.37
CA GLU E 8 -2.56 -4.17 -15.37
C GLU E 8 -2.11 -4.84 -16.69
N ARG E 9 -0.84 -4.67 -17.08
CA ARG E 9 -0.32 -4.96 -18.45
C ARG E 9 0.50 -6.25 -18.45
N GLN E 10 0.35 -7.11 -17.44
CA GLN E 10 1.00 -8.45 -17.39
C GLN E 10 0.34 -9.33 -18.48
N ARG E 11 0.95 -10.45 -18.82
CA ARG E 11 0.35 -11.46 -19.74
C ARG E 11 -0.98 -11.94 -19.15
N TRP F 6 4.56 -11.21 8.89
CA TRP F 6 4.53 -10.89 10.36
C TRP F 6 3.10 -10.62 10.83
N ARG F 7 2.27 -9.96 9.98
CA ARG F 7 0.85 -9.64 10.29
C ARG F 7 0.11 -10.95 10.61
N GLU F 8 0.35 -12.00 9.81
CA GLU F 8 -0.27 -13.35 9.93
C GLU F 8 0.19 -14.01 11.23
N ARG F 9 1.50 -13.95 11.51
CA ARG F 9 2.17 -14.73 12.60
C ARG F 9 1.95 -14.07 13.98
N GLN F 10 1.21 -12.94 14.05
CA GLN F 10 0.94 -12.19 15.31
C GLN F 10 0.22 -13.10 16.31
N ARG F 11 0.24 -12.75 17.60
CA ARG F 11 -0.22 -13.60 18.74
C ARG F 11 -1.68 -14.02 18.54
#